data_1HIC
#
_entry.id   1HIC
#
_cell.length_a   1.000
_cell.length_b   1.000
_cell.length_c   1.000
_cell.angle_alpha   90.00
_cell.angle_beta   90.00
_cell.angle_gamma   90.00
#
_symmetry.space_group_name_H-M   'P 1'
#
_entity_poly.entity_id   1
_entity_poly.type   'polypeptide(L)'
_entity_poly.pdbx_seq_one_letter_code
;VVYTDCTESGQNLCLCEGSNVCGQGNKCILGSDGEKNQCVTGEGTPKPQSH
;
_entity_poly.pdbx_strand_id   A
#
# COMPACT_ATOMS: atom_id res chain seq x y z
N VAL A 1 8.19 12.72 -5.32
CA VAL A 1 9.06 11.53 -5.24
C VAL A 1 8.36 10.44 -6.03
N VAL A 2 9.06 9.38 -6.42
CA VAL A 2 8.49 8.22 -7.10
C VAL A 2 8.54 7.06 -6.10
N TYR A 3 7.40 6.41 -5.89
CA TYR A 3 7.19 5.37 -4.89
C TYR A 3 7.05 4.03 -5.63
N THR A 4 6.93 2.93 -4.89
CA THR A 4 6.76 1.60 -5.47
C THR A 4 5.47 0.97 -4.92
N ASP A 5 5.03 -0.14 -5.50
CA ASP A 5 3.82 -0.85 -5.06
C ASP A 5 4.03 -1.42 -3.66
N CYS A 6 2.99 -1.93 -3.01
CA CYS A 6 3.12 -2.66 -1.75
C CYS A 6 3.41 -4.15 -1.99
N THR A 7 4.25 -4.76 -1.14
CA THR A 7 4.56 -6.20 -1.16
C THR A 7 3.76 -7.03 -0.15
N GLU A 8 3.23 -6.43 0.92
CA GLU A 8 2.39 -7.11 1.91
C GLU A 8 1.16 -6.25 2.19
N SER A 9 0.11 -6.86 2.75
CA SER A 9 -1.09 -6.12 3.16
C SER A 9 -0.82 -5.37 4.45
N GLY A 10 -1.58 -4.29 4.68
CA GLY A 10 -1.49 -3.53 5.91
C GLY A 10 -0.26 -2.62 5.92
N GLN A 11 0.24 -2.27 4.73
CA GLN A 11 1.36 -1.36 4.56
C GLN A 11 0.87 -0.04 4.00
N ASN A 12 1.52 1.07 4.37
CA ASN A 12 1.26 2.39 3.82
C ASN A 12 2.46 2.92 3.05
N LEU A 13 2.31 4.11 2.44
CA LEU A 13 3.39 4.79 1.72
C LEU A 13 3.83 3.99 0.49
N CYS A 14 2.86 3.45 -0.25
CA CYS A 14 3.10 2.64 -1.45
C CYS A 14 1.97 2.84 -2.43
N LEU A 15 2.25 2.62 -3.71
CA LEU A 15 1.26 2.78 -4.79
C LEU A 15 0.21 1.68 -4.69
N CYS A 16 -1.09 2.01 -4.81
CA CYS A 16 -2.14 1.04 -4.46
C CYS A 16 -3.29 1.21 -5.44
N GLU A 17 -3.91 2.39 -5.42
CA GLU A 17 -4.74 2.80 -6.55
C GLU A 17 -3.87 3.47 -7.62
N GLY A 18 -3.33 2.63 -8.52
CA GLY A 18 -2.51 3.12 -9.62
C GLY A 18 -1.31 3.90 -9.07
N SER A 19 -0.99 5.05 -9.66
CA SER A 19 0.11 5.87 -9.20
C SER A 19 -0.24 6.67 -7.93
N ASN A 20 -1.42 6.49 -7.34
CA ASN A 20 -1.79 7.18 -6.12
C ASN A 20 -1.26 6.37 -4.93
N VAL A 21 -0.48 7.03 -4.09
CA VAL A 21 0.12 6.43 -2.91
C VAL A 21 -0.96 6.24 -1.85
N CYS A 22 -0.92 5.11 -1.14
CA CYS A 22 -1.74 4.90 0.05
C CYS A 22 -1.18 5.73 1.20
N GLY A 23 -1.71 6.96 1.28
CA GLY A 23 -1.35 8.01 2.23
C GLY A 23 -1.34 7.54 3.68
N GLN A 24 -0.58 8.25 4.52
CA GLN A 24 -0.46 7.95 5.93
C GLN A 24 -1.83 7.86 6.60
N GLY A 25 -1.95 6.94 7.57
CA GLY A 25 -3.21 6.64 8.23
C GLY A 25 -4.10 5.72 7.39
N ASN A 26 -3.69 5.35 6.17
CA ASN A 26 -4.36 4.40 5.31
C ASN A 26 -3.36 3.28 4.98
N LYS A 27 -3.82 2.06 4.67
CA LYS A 27 -2.98 0.93 4.32
C LYS A 27 -3.54 0.13 3.14
N CYS A 28 -2.66 -0.59 2.42
CA CYS A 28 -3.04 -1.23 1.17
C CYS A 28 -3.24 -2.68 1.51
N ILE A 29 -4.40 -3.23 1.15
CA ILE A 29 -4.58 -4.66 1.24
C ILE A 29 -4.23 -5.17 -0.16
N LEU A 30 -3.15 -5.94 -0.28
CA LEU A 30 -2.89 -6.71 -1.47
C LEU A 30 -4.01 -7.75 -1.55
N GLY A 31 -4.66 -7.88 -2.70
CA GLY A 31 -5.73 -8.86 -2.88
C GLY A 31 -5.25 -10.26 -2.50
N SER A 32 -6.15 -11.16 -2.06
CA SER A 32 -5.71 -12.48 -1.65
C SER A 32 -6.47 -13.66 -2.29
N ASP A 33 -6.75 -13.57 -3.60
CA ASP A 33 -8.05 -14.06 -4.13
C ASP A 33 -8.46 -13.32 -5.42
N GLY A 34 -7.50 -12.96 -6.28
CA GLY A 34 -7.83 -12.29 -7.53
C GLY A 34 -8.28 -10.84 -7.36
N GLU A 35 -8.49 -10.37 -6.12
CA GLU A 35 -8.72 -8.97 -5.82
C GLU A 35 -7.52 -8.09 -6.16
N LYS A 36 -7.82 -6.80 -6.39
CA LYS A 36 -6.84 -5.79 -6.76
C LYS A 36 -6.39 -5.04 -5.50
N ASN A 37 -5.32 -4.26 -5.63
CA ASN A 37 -4.77 -3.46 -4.54
C ASN A 37 -5.83 -2.47 -4.04
N GLN A 38 -6.15 -2.50 -2.75
CA GLN A 38 -7.18 -1.66 -2.14
C GLN A 38 -6.63 -0.88 -0.96
N CYS A 39 -6.56 0.45 -1.07
CA CYS A 39 -6.07 1.32 -0.01
C CYS A 39 -7.25 1.76 0.84
N VAL A 40 -7.26 1.45 2.13
CA VAL A 40 -8.34 1.84 3.04
C VAL A 40 -7.76 2.54 4.27
N THR A 41 -8.55 3.43 4.88
CA THR A 41 -8.14 4.13 6.09
C THR A 41 -7.96 3.15 7.25
N GLY A 42 -7.21 3.56 8.27
CA GLY A 42 -6.97 2.82 9.52
C GLY A 42 -5.59 3.18 10.07
N GLU A 43 -4.62 2.28 9.90
CA GLU A 43 -3.19 2.51 10.13
C GLU A 43 -2.44 1.30 9.56
N GLY A 44 -1.14 1.42 9.29
CA GLY A 44 -0.38 0.33 8.66
C GLY A 44 1.12 0.58 8.80
N THR A 45 1.91 -0.44 8.52
CA THR A 45 3.37 -0.39 8.62
C THR A 45 3.95 0.37 7.41
N PRO A 46 4.99 1.20 7.58
CA PRO A 46 5.64 1.83 6.44
C PRO A 46 6.54 0.84 5.70
N LYS A 47 6.40 0.81 4.39
CA LYS A 47 7.19 -0.03 3.50
C LYS A 47 8.70 0.29 3.62
N PRO A 48 9.56 -0.67 4.03
CA PRO A 48 11.01 -0.47 4.22
C PRO A 48 11.76 -0.46 2.88
N GLN A 49 13.00 0.09 2.83
CA GLN A 49 13.63 0.37 1.55
C GLN A 49 14.31 -0.87 0.95
N SER A 50 13.65 -1.49 -0.05
CA SER A 50 13.76 -2.93 -0.32
C SER A 50 13.28 -3.81 0.86
N HIS A 51 12.65 -4.96 0.55
CA HIS A 51 12.37 -6.04 1.49
C HIS A 51 13.52 -7.05 1.34
N VAL A 1 9.79 13.64 -5.31
CA VAL A 1 8.85 12.79 -4.55
C VAL A 1 8.50 11.57 -5.40
N VAL A 2 9.41 10.60 -5.41
CA VAL A 2 9.21 9.31 -6.07
C VAL A 2 8.50 8.39 -5.07
N TYR A 3 7.69 7.46 -5.58
CA TYR A 3 6.96 6.46 -4.80
C TYR A 3 7.04 5.12 -5.53
N THR A 4 6.75 4.02 -4.82
CA THR A 4 6.83 2.66 -5.32
C THR A 4 5.64 1.85 -4.79
N ASP A 5 5.36 0.70 -5.41
CA ASP A 5 4.18 -0.13 -5.10
C ASP A 5 4.34 -0.92 -3.82
N CYS A 6 3.24 -1.43 -3.23
CA CYS A 6 3.35 -2.15 -1.96
C CYS A 6 3.64 -3.61 -2.27
N THR A 7 4.14 -4.34 -1.27
CA THR A 7 4.61 -5.71 -1.44
C THR A 7 3.91 -6.70 -0.50
N GLU A 8 2.79 -6.30 0.13
CA GLU A 8 2.05 -7.08 1.13
C GLU A 8 0.80 -6.30 1.56
N SER A 9 -0.18 -6.96 2.20
CA SER A 9 -1.37 -6.32 2.75
C SER A 9 -1.06 -5.66 4.11
N GLY A 10 -1.93 -4.73 4.51
CA GLY A 10 -1.86 -3.96 5.76
C GLY A 10 -0.72 -2.94 5.77
N GLN A 11 -0.05 -2.76 4.63
CA GLN A 11 1.12 -1.91 4.50
C GLN A 11 0.67 -0.48 4.16
N ASN A 12 1.58 0.46 3.97
CA ASN A 12 1.23 1.82 3.56
C ASN A 12 2.48 2.54 3.10
N LEU A 13 2.34 3.81 2.71
CA LEU A 13 3.45 4.65 2.27
C LEU A 13 3.99 4.13 0.93
N CYS A 14 3.10 3.57 0.11
CA CYS A 14 3.41 2.97 -1.17
C CYS A 14 2.16 3.01 -2.05
N LEU A 15 2.35 2.86 -3.36
CA LEU A 15 1.30 2.91 -4.37
C LEU A 15 0.53 1.61 -4.26
N CYS A 16 -0.66 1.68 -3.68
CA CYS A 16 -1.44 0.47 -3.44
C CYS A 16 -2.30 0.21 -4.65
N GLU A 17 -3.22 1.14 -4.91
CA GLU A 17 -4.08 1.17 -6.07
C GLU A 17 -3.48 2.09 -7.11
N GLY A 18 -3.28 1.59 -8.34
CA GLY A 18 -2.77 2.37 -9.46
C GLY A 18 -1.59 3.24 -9.06
N SER A 19 -1.66 4.54 -9.36
CA SER A 19 -0.67 5.52 -8.96
C SER A 19 -1.09 6.26 -7.67
N ASN A 20 -2.09 5.75 -6.95
CA ASN A 20 -2.62 6.38 -5.76
C ASN A 20 -1.83 5.90 -4.55
N VAL A 21 -1.10 6.84 -3.94
CA VAL A 21 -0.24 6.55 -2.79
C VAL A 21 -1.09 6.36 -1.55
N CYS A 22 -0.92 5.23 -0.87
CA CYS A 22 -1.68 4.88 0.32
C CYS A 22 -0.87 5.26 1.54
N GLY A 23 -0.74 6.55 1.84
CA GLY A 23 0.16 7.05 2.89
C GLY A 23 -0.28 6.72 4.32
N GLN A 24 0.44 7.28 5.30
CA GLN A 24 0.00 7.29 6.69
C GLN A 24 -1.43 7.84 6.81
N GLY A 25 -2.20 7.27 7.74
CA GLY A 25 -3.64 7.47 7.82
C GLY A 25 -4.40 6.51 6.92
N ASN A 26 -3.69 5.75 6.07
CA ASN A 26 -4.25 4.79 5.12
C ASN A 26 -3.48 3.47 5.23
N LYS A 27 -4.10 2.41 4.69
CA LYS A 27 -3.67 1.01 4.73
C LYS A 27 -3.89 0.40 3.36
N CYS A 28 -2.94 -0.36 2.84
CA CYS A 28 -3.04 -1.07 1.58
C CYS A 28 -3.50 -2.49 1.85
N ILE A 29 -4.33 -3.06 0.98
CA ILE A 29 -4.75 -4.45 0.98
C ILE A 29 -4.39 -4.99 -0.41
N LEU A 30 -3.50 -5.99 -0.49
CA LEU A 30 -3.07 -6.63 -1.73
C LEU A 30 -4.17 -7.60 -2.20
N GLY A 31 -5.33 -7.04 -2.54
CA GLY A 31 -6.46 -7.87 -2.95
C GLY A 31 -7.02 -8.74 -1.83
N SER A 32 -7.90 -9.67 -2.23
CA SER A 32 -8.44 -10.70 -1.36
C SER A 32 -8.59 -11.95 -2.23
N ASP A 33 -7.43 -12.51 -2.60
CA ASP A 33 -7.31 -13.74 -3.37
C ASP A 33 -8.17 -13.72 -4.65
N GLY A 34 -8.39 -12.53 -5.23
CA GLY A 34 -9.35 -12.36 -6.32
C GLY A 34 -9.56 -10.88 -6.64
N GLU A 35 -9.94 -10.08 -5.64
CA GLU A 35 -9.92 -8.63 -5.78
C GLU A 35 -8.49 -8.11 -5.97
N LYS A 36 -8.40 -6.93 -6.59
CA LYS A 36 -7.17 -6.21 -6.88
C LYS A 36 -6.81 -5.37 -5.65
N ASN A 37 -5.65 -4.70 -5.68
CA ASN A 37 -5.19 -3.82 -4.63
C ASN A 37 -6.32 -2.88 -4.16
N GLN A 38 -6.38 -2.56 -2.86
CA GLN A 38 -7.35 -1.64 -2.30
C GLN A 38 -6.67 -0.81 -1.20
N CYS A 39 -6.77 0.53 -1.26
CA CYS A 39 -6.26 1.42 -0.22
C CYS A 39 -7.41 1.79 0.74
N VAL A 40 -7.44 1.22 1.95
CA VAL A 40 -8.43 1.52 2.98
C VAL A 40 -7.87 2.57 3.94
N THR A 41 -8.69 3.04 4.88
CA THR A 41 -8.28 4.03 5.89
C THR A 41 -7.58 3.37 7.08
N GLY A 42 -6.91 4.14 7.94
CA GLY A 42 -6.19 3.64 9.09
C GLY A 42 -4.72 3.44 8.74
N GLU A 43 -3.80 4.09 9.46
CA GLU A 43 -2.35 3.99 9.25
C GLU A 43 -1.87 2.53 9.21
N GLY A 44 -1.21 2.13 8.12
CA GLY A 44 -0.56 0.83 7.97
C GLY A 44 0.94 0.86 8.27
N THR A 45 1.62 -0.23 7.91
CA THR A 45 3.08 -0.37 8.06
C THR A 45 3.80 0.24 6.85
N PRO A 46 4.74 1.20 7.02
CA PRO A 46 5.44 1.76 5.87
C PRO A 46 6.48 0.79 5.32
N LYS A 47 6.55 0.63 3.99
CA LYS A 47 7.52 -0.25 3.33
C LYS A 47 8.93 -0.03 3.87
N PRO A 48 9.52 -1.01 4.58
CA PRO A 48 10.82 -0.84 5.19
C PRO A 48 11.91 -0.85 4.11
N GLN A 49 12.61 0.27 3.95
CA GLN A 49 13.74 0.37 3.04
C GLN A 49 14.98 -0.23 3.71
N SER A 50 15.56 -1.25 3.07
CA SER A 50 16.86 -1.81 3.43
C SER A 50 17.98 -1.02 2.74
N HIS A 51 19.23 -1.39 3.05
CA HIS A 51 20.42 -0.83 2.42
C HIS A 51 20.44 -1.14 0.91
N VAL A 1 7.04 13.05 -5.23
CA VAL A 1 8.09 12.04 -5.46
C VAL A 1 7.39 10.80 -6.01
N VAL A 2 8.13 9.87 -6.61
CA VAL A 2 7.59 8.63 -7.16
C VAL A 2 7.93 7.53 -6.16
N TYR A 3 6.91 6.84 -5.67
CA TYR A 3 7.01 5.75 -4.70
C TYR A 3 6.99 4.42 -5.47
N THR A 4 6.95 3.29 -4.75
CA THR A 4 6.92 1.93 -5.31
C THR A 4 5.65 1.21 -4.86
N ASP A 5 5.32 0.08 -5.49
CA ASP A 5 4.12 -0.72 -5.20
C ASP A 5 4.21 -1.42 -3.84
N CYS A 6 3.08 -1.90 -3.29
CA CYS A 6 3.10 -2.47 -1.94
C CYS A 6 3.47 -3.93 -2.02
N THR A 7 4.23 -4.40 -1.04
CA THR A 7 4.80 -5.74 -1.04
C THR A 7 4.22 -6.61 0.10
N GLU A 8 3.11 -6.19 0.72
CA GLU A 8 2.43 -6.88 1.82
C GLU A 8 1.14 -6.13 2.17
N SER A 9 0.09 -6.86 2.57
CA SER A 9 -1.17 -6.25 3.00
C SER A 9 -1.01 -5.54 4.33
N GLY A 10 -1.82 -4.50 4.55
CA GLY A 10 -1.83 -3.77 5.80
C GLY A 10 -0.73 -2.71 5.84
N GLN A 11 0.07 -2.60 4.78
CA GLN A 11 1.19 -1.68 4.69
C GLN A 11 0.77 -0.42 3.94
N ASN A 12 1.59 0.61 3.96
CA ASN A 12 1.26 1.87 3.31
C ASN A 12 2.54 2.56 2.80
N LEU A 13 2.40 3.81 2.35
CA LEU A 13 3.48 4.57 1.75
C LEU A 13 4.01 3.86 0.51
N CYS A 14 3.09 3.26 -0.25
CA CYS A 14 3.36 2.53 -1.46
C CYS A 14 2.15 2.63 -2.40
N LEU A 15 2.41 2.65 -3.71
CA LEU A 15 1.43 2.82 -4.78
C LEU A 15 0.46 1.65 -4.75
N CYS A 16 -0.80 1.93 -4.43
CA CYS A 16 -1.77 0.87 -4.17
C CYS A 16 -2.75 0.87 -5.34
N GLU A 17 -3.48 1.98 -5.47
CA GLU A 17 -4.38 2.24 -6.57
C GLU A 17 -3.64 3.13 -7.58
N GLY A 18 -3.09 2.52 -8.62
CA GLY A 18 -2.43 3.24 -9.69
C GLY A 18 -1.20 3.96 -9.15
N SER A 19 -1.01 5.22 -9.55
CA SER A 19 0.09 6.05 -9.07
C SER A 19 -0.20 6.69 -7.72
N ASN A 20 -1.40 6.50 -7.17
CA ASN A 20 -1.77 7.07 -5.88
C ASN A 20 -1.15 6.22 -4.78
N VAL A 21 -0.28 6.83 -3.99
CA VAL A 21 0.35 6.20 -2.83
C VAL A 21 -0.68 6.07 -1.71
N CYS A 22 -0.69 4.94 -1.01
CA CYS A 22 -1.54 4.78 0.16
C CYS A 22 -0.95 5.60 1.31
N GLY A 23 -1.46 6.82 1.52
CA GLY A 23 -0.99 7.75 2.53
C GLY A 23 -1.09 7.20 3.97
N GLN A 24 -0.47 7.91 4.92
CA GLN A 24 -0.60 7.61 6.34
C GLN A 24 -2.05 7.73 6.80
N GLY A 25 -2.44 6.89 7.78
CA GLY A 25 -3.82 6.79 8.23
C GLY A 25 -4.65 5.87 7.32
N ASN A 26 -3.96 5.13 6.44
CA ASN A 26 -4.51 4.19 5.49
C ASN A 26 -3.56 2.99 5.37
N LYS A 27 -4.08 1.87 4.84
CA LYS A 27 -3.37 0.62 4.58
C LYS A 27 -3.83 0.04 3.24
N CYS A 28 -2.90 -0.48 2.46
CA CYS A 28 -3.14 -1.16 1.19
C CYS A 28 -3.32 -2.64 1.47
N ILE A 29 -4.47 -3.21 1.12
CA ILE A 29 -4.68 -4.65 1.16
C ILE A 29 -4.37 -5.18 -0.24
N LEU A 30 -3.35 -6.04 -0.36
CA LEU A 30 -3.03 -6.75 -1.59
C LEU A 30 -4.22 -7.62 -1.97
N GLY A 31 -4.53 -7.63 -3.27
CA GLY A 31 -5.66 -8.33 -3.83
C GLY A 31 -5.69 -9.81 -3.44
N SER A 32 -6.87 -10.28 -3.04
CA SER A 32 -7.13 -11.61 -2.53
C SER A 32 -7.75 -12.43 -3.65
N ASP A 33 -6.94 -12.76 -4.66
CA ASP A 33 -7.31 -13.60 -5.80
C ASP A 33 -8.69 -13.26 -6.39
N GLY A 34 -9.05 -11.97 -6.35
CA GLY A 34 -10.37 -11.50 -6.74
C GLY A 34 -10.38 -9.97 -6.67
N GLU A 35 -10.38 -9.42 -5.46
CA GLU A 35 -10.13 -8.02 -5.24
C GLU A 35 -8.73 -7.60 -5.70
N LYS A 36 -8.63 -6.33 -6.03
CA LYS A 36 -7.42 -5.62 -6.46
C LYS A 36 -6.80 -4.94 -5.23
N ASN A 37 -5.63 -4.32 -5.41
CA ASN A 37 -5.00 -3.49 -4.39
C ASN A 37 -6.02 -2.43 -3.93
N GLN A 38 -6.35 -2.40 -2.63
CA GLN A 38 -7.31 -1.44 -2.07
C GLN A 38 -6.69 -0.70 -0.89
N CYS A 39 -6.64 0.63 -0.94
CA CYS A 39 -6.08 1.45 0.14
C CYS A 39 -7.20 1.86 1.10
N VAL A 40 -7.46 1.02 2.11
CA VAL A 40 -8.50 1.28 3.10
C VAL A 40 -7.93 2.15 4.22
N THR A 41 -8.77 2.67 5.10
CA THR A 41 -8.35 3.55 6.18
C THR A 41 -7.70 2.78 7.33
N GLY A 42 -7.11 3.50 8.29
CA GLY A 42 -6.42 2.93 9.44
C GLY A 42 -4.92 3.10 9.24
N GLU A 43 -4.18 3.59 10.22
CA GLU A 43 -2.74 3.75 10.09
C GLU A 43 -2.07 2.39 9.84
N GLY A 44 -1.04 2.37 8.99
CA GLY A 44 -0.28 1.18 8.63
C GLY A 44 1.20 1.52 8.55
N THR A 45 2.04 0.49 8.56
CA THR A 45 3.49 0.60 8.50
C THR A 45 3.93 0.95 7.08
N PRO A 46 4.97 1.80 6.90
CA PRO A 46 5.47 2.14 5.58
C PRO A 46 6.27 1.00 4.98
N LYS A 47 6.31 0.92 3.63
CA LYS A 47 7.04 -0.11 2.92
C LYS A 47 8.52 -0.14 3.31
N PRO A 48 9.00 -1.17 4.04
CA PRO A 48 10.40 -1.24 4.41
C PRO A 48 11.19 -1.57 3.15
N GLN A 49 12.23 -0.78 2.87
CA GLN A 49 13.14 -0.99 1.75
C GLN A 49 13.63 -2.44 1.71
N SER A 50 14.08 -2.90 0.54
CA SER A 50 14.47 -4.28 0.37
C SER A 50 15.57 -4.38 -0.69
N HIS A 51 16.74 -3.83 -0.36
CA HIS A 51 17.91 -3.78 -1.21
C HIS A 51 17.70 -2.77 -2.34
N VAL A 1 9.14 13.78 -5.42
CA VAL A 1 9.56 12.54 -4.72
C VAL A 1 8.95 11.38 -5.48
N VAL A 2 9.70 10.28 -5.67
CA VAL A 2 9.25 9.08 -6.37
C VAL A 2 8.65 8.12 -5.34
N TYR A 3 7.77 7.21 -5.78
CA TYR A 3 7.10 6.21 -4.95
C TYR A 3 7.16 4.84 -5.64
N THR A 4 6.77 3.77 -4.93
CA THR A 4 6.82 2.38 -5.40
C THR A 4 5.62 1.62 -4.83
N ASP A 5 5.31 0.42 -5.36
CA ASP A 5 4.11 -0.33 -5.00
C ASP A 5 4.28 -1.08 -3.69
N CYS A 6 3.19 -1.59 -3.09
CA CYS A 6 3.30 -2.25 -1.79
C CYS A 6 3.61 -3.72 -2.03
N THR A 7 4.19 -4.40 -1.03
CA THR A 7 4.64 -5.77 -1.13
C THR A 7 3.67 -6.72 -0.42
N GLU A 8 3.13 -6.30 0.74
CA GLU A 8 2.27 -7.13 1.58
C GLU A 8 1.03 -6.32 2.00
N SER A 9 -0.02 -7.01 2.44
CA SER A 9 -1.23 -6.38 2.93
C SER A 9 -0.98 -5.70 4.27
N GLY A 10 -1.73 -4.64 4.51
CA GLY A 10 -1.68 -3.82 5.71
C GLY A 10 -0.48 -2.88 5.75
N GLN A 11 0.25 -2.73 4.64
CA GLN A 11 1.30 -1.74 4.51
C GLN A 11 0.71 -0.35 4.28
N ASN A 12 1.57 0.66 4.14
CA ASN A 12 1.23 1.98 3.64
C ASN A 12 2.53 2.63 3.13
N LEU A 13 2.44 3.89 2.70
CA LEU A 13 3.57 4.71 2.25
C LEU A 13 4.17 4.15 0.95
N CYS A 14 3.28 3.64 0.09
CA CYS A 14 3.53 3.01 -1.19
C CYS A 14 2.25 3.14 -2.03
N LEU A 15 2.41 3.02 -3.34
CA LEU A 15 1.32 3.05 -4.31
C LEU A 15 0.54 1.76 -4.12
N CYS A 16 -0.72 1.87 -3.71
CA CYS A 16 -1.49 0.67 -3.45
C CYS A 16 -2.29 0.35 -4.71
N GLU A 17 -3.21 1.26 -5.05
CA GLU A 17 -4.12 1.12 -6.18
C GLU A 17 -3.70 2.13 -7.25
N GLY A 18 -3.37 1.63 -8.44
CA GLY A 18 -2.87 2.46 -9.53
C GLY A 18 -1.68 3.28 -9.08
N SER A 19 -1.73 4.59 -9.32
CA SER A 19 -0.69 5.52 -8.91
C SER A 19 -1.07 6.23 -7.60
N ASN A 20 -2.06 5.73 -6.88
CA ASN A 20 -2.61 6.41 -5.71
C ASN A 20 -1.79 5.99 -4.49
N VAL A 21 -1.15 6.98 -3.86
CA VAL A 21 -0.24 6.77 -2.75
C VAL A 21 -1.01 6.58 -1.45
N CYS A 22 -0.90 5.39 -0.85
CA CYS A 22 -1.66 5.04 0.35
C CYS A 22 -0.85 5.45 1.57
N GLY A 23 -0.84 6.74 1.92
CA GLY A 23 0.04 7.30 2.93
C GLY A 23 -0.33 6.93 4.38
N GLN A 24 0.35 7.54 5.37
CA GLN A 24 -0.11 7.44 6.74
C GLN A 24 -1.55 7.96 6.88
N GLY A 25 -2.31 7.34 7.77
CA GLY A 25 -3.75 7.52 7.88
C GLY A 25 -4.51 6.52 6.99
N ASN A 26 -3.80 5.77 6.15
CA ASN A 26 -4.37 4.80 5.23
C ASN A 26 -3.70 3.44 5.46
N LYS A 27 -4.24 2.39 4.83
CA LYS A 27 -3.68 1.05 4.81
C LYS A 27 -3.91 0.46 3.42
N CYS A 28 -2.92 -0.25 2.87
CA CYS A 28 -3.04 -0.94 1.60
C CYS A 28 -3.41 -2.40 1.85
N ILE A 29 -4.24 -2.98 0.98
CA ILE A 29 -4.60 -4.38 0.93
C ILE A 29 -4.13 -4.91 -0.44
N LEU A 30 -3.22 -5.88 -0.43
CA LEU A 30 -2.79 -6.68 -1.58
C LEU A 30 -3.76 -7.86 -1.72
N GLY A 31 -4.32 -8.09 -2.92
CA GLY A 31 -5.09 -9.29 -3.21
C GLY A 31 -4.18 -10.51 -3.29
N SER A 32 -4.73 -11.73 -3.36
CA SER A 32 -3.92 -12.96 -3.34
C SER A 32 -4.50 -14.07 -4.22
N ASP A 33 -4.94 -13.70 -5.43
CA ASP A 33 -6.02 -14.41 -6.10
C ASP A 33 -6.51 -13.67 -7.37
N GLY A 34 -5.59 -13.05 -8.12
CA GLY A 34 -5.92 -12.41 -9.40
C GLY A 34 -6.75 -11.12 -9.27
N GLU A 35 -7.04 -10.73 -8.03
CA GLU A 35 -7.70 -9.51 -7.62
C GLU A 35 -6.75 -8.30 -7.67
N LYS A 36 -7.31 -7.10 -7.53
CA LYS A 36 -6.60 -5.82 -7.57
C LYS A 36 -6.26 -5.37 -6.14
N ASN A 37 -5.41 -4.36 -6.02
CA ASN A 37 -5.02 -3.74 -4.75
C ASN A 37 -6.09 -2.75 -4.33
N GLN A 38 -6.23 -2.51 -3.01
CA GLN A 38 -7.20 -1.58 -2.43
C GLN A 38 -6.58 -0.78 -1.27
N CYS A 39 -6.66 0.56 -1.29
CA CYS A 39 -6.22 1.44 -0.21
C CYS A 39 -7.41 1.79 0.69
N VAL A 40 -7.46 1.24 1.90
CA VAL A 40 -8.48 1.56 2.89
C VAL A 40 -7.97 2.67 3.81
N THR A 41 -8.86 3.28 4.61
CA THR A 41 -8.46 4.23 5.65
C THR A 41 -7.98 3.44 6.88
N GLY A 42 -7.16 4.05 7.73
CA GLY A 42 -6.73 3.47 8.99
C GLY A 42 -5.31 3.94 9.32
N GLU A 43 -4.36 2.99 9.30
CA GLU A 43 -2.93 3.21 9.46
C GLU A 43 -2.25 1.88 9.14
N GLY A 44 -1.05 1.91 8.57
CA GLY A 44 -0.35 0.70 8.12
C GLY A 44 1.16 0.83 8.32
N THR A 45 1.89 -0.24 8.01
CA THR A 45 3.33 -0.27 8.13
C THR A 45 3.98 0.30 6.86
N PRO A 46 4.94 1.24 6.95
CA PRO A 46 5.59 1.76 5.77
C PRO A 46 6.40 0.67 5.07
N LYS A 47 6.40 0.63 3.74
CA LYS A 47 7.20 -0.32 2.98
C LYS A 47 8.67 -0.25 3.42
N PRO A 48 9.26 -1.32 3.96
CA PRO A 48 10.68 -1.33 4.24
C PRO A 48 11.44 -1.28 2.91
N GLN A 49 12.63 -0.66 2.92
CA GLN A 49 13.60 -0.74 1.86
C GLN A 49 14.13 -2.18 1.71
N SER A 50 14.56 -2.52 0.50
CA SER A 50 15.06 -3.84 0.13
C SER A 50 13.95 -4.90 0.22
N HIS A 51 14.23 -6.10 -0.32
CA HIS A 51 13.32 -7.23 -0.35
C HIS A 51 11.89 -6.80 -0.72
N VAL A 1 7.44 12.98 -5.89
CA VAL A 1 8.17 11.73 -5.57
C VAL A 1 7.33 10.57 -6.09
N VAL A 2 7.85 9.82 -7.08
CA VAL A 2 7.20 8.62 -7.59
C VAL A 2 7.73 7.43 -6.79
N TYR A 3 6.84 6.86 -5.99
CA TYR A 3 7.00 5.69 -5.15
C TYR A 3 6.89 4.42 -6.00
N THR A 4 6.87 3.25 -5.37
CA THR A 4 6.59 1.98 -6.02
C THR A 4 5.39 1.27 -5.37
N ASP A 5 4.90 0.19 -5.97
CA ASP A 5 3.88 -0.67 -5.38
C ASP A 5 4.33 -1.28 -4.05
N CYS A 6 3.34 -1.78 -3.29
CA CYS A 6 3.56 -2.54 -2.05
C CYS A 6 3.79 -4.02 -2.37
N THR A 7 4.34 -4.75 -1.38
CA THR A 7 4.59 -6.18 -1.48
C THR A 7 4.04 -6.97 -0.27
N GLU A 8 3.15 -6.37 0.54
CA GLU A 8 2.46 -7.06 1.63
C GLU A 8 1.19 -6.29 2.03
N SER A 9 0.20 -6.99 2.58
CA SER A 9 -1.06 -6.38 3.02
C SER A 9 -0.91 -5.76 4.41
N GLY A 10 -1.46 -4.56 4.57
CA GLY A 10 -1.43 -3.85 5.85
C GLY A 10 -0.38 -2.75 5.87
N GLN A 11 0.08 -2.34 4.68
CA GLN A 11 1.24 -1.47 4.53
C GLN A 11 0.86 -0.19 3.81
N ASN A 12 1.49 0.92 4.17
CA ASN A 12 1.19 2.24 3.64
C ASN A 12 2.39 2.81 2.91
N LEU A 13 2.27 4.04 2.38
CA LEU A 13 3.39 4.75 1.77
C LEU A 13 3.91 3.98 0.55
N CYS A 14 3.00 3.59 -0.33
CA CYS A 14 3.28 2.83 -1.54
C CYS A 14 2.10 2.99 -2.50
N LEU A 15 2.35 2.73 -3.78
CA LEU A 15 1.36 2.86 -4.85
C LEU A 15 0.38 1.69 -4.76
N CYS A 16 -0.89 1.97 -4.45
CA CYS A 16 -1.86 0.91 -4.22
C CYS A 16 -2.94 1.02 -5.28
N GLU A 17 -3.67 2.14 -5.25
CA GLU A 17 -4.60 2.50 -6.29
C GLU A 17 -3.80 3.16 -7.41
N GLY A 18 -3.35 2.37 -8.39
CA GLY A 18 -2.67 2.90 -9.56
C GLY A 18 -1.43 3.71 -9.13
N SER A 19 -1.25 4.92 -9.67
CA SER A 19 -0.13 5.77 -9.31
C SER A 19 -0.40 6.56 -8.02
N ASN A 20 -1.52 6.32 -7.33
CA ASN A 20 -1.87 7.07 -6.13
C ASN A 20 -1.28 6.35 -4.92
N VAL A 21 -0.47 7.07 -4.15
CA VAL A 21 0.18 6.54 -2.96
C VAL A 21 -0.80 6.45 -1.80
N CYS A 22 -0.78 5.34 -1.06
CA CYS A 22 -1.62 5.20 0.13
C CYS A 22 -1.02 6.02 1.28
N GLY A 23 -1.49 7.28 1.40
CA GLY A 23 -1.05 8.23 2.41
C GLY A 23 -1.21 7.68 3.84
N GLN A 24 -0.44 8.22 4.79
CA GLN A 24 -0.51 7.81 6.19
C GLN A 24 -1.94 7.85 6.76
N GLY A 25 -2.20 7.05 7.79
CA GLY A 25 -3.53 6.92 8.41
C GLY A 25 -4.47 5.96 7.65
N ASN A 26 -3.94 5.39 6.57
CA ASN A 26 -4.49 4.44 5.62
C ASN A 26 -3.45 3.35 5.36
N LYS A 27 -3.87 2.16 4.90
CA LYS A 27 -3.01 1.06 4.51
C LYS A 27 -3.56 0.39 3.24
N CYS A 28 -2.67 -0.25 2.49
CA CYS A 28 -2.97 -1.00 1.28
C CYS A 28 -3.13 -2.47 1.64
N ILE A 29 -4.23 -3.09 1.24
CA ILE A 29 -4.40 -4.53 1.35
C ILE A 29 -4.13 -5.09 -0.05
N LEU A 30 -3.05 -5.88 -0.17
CA LEU A 30 -2.72 -6.63 -1.37
C LEU A 30 -3.82 -7.66 -1.62
N GLY A 31 -4.12 -7.85 -2.91
CA GLY A 31 -5.17 -8.75 -3.37
C GLY A 31 -5.07 -10.13 -2.75
N SER A 32 -6.21 -10.66 -2.29
CA SER A 32 -6.32 -11.93 -1.59
C SER A 32 -6.79 -12.98 -2.59
N ASP A 33 -5.91 -13.32 -3.55
CA ASP A 33 -6.15 -14.30 -4.62
C ASP A 33 -7.54 -14.18 -5.27
N GLY A 34 -8.03 -12.93 -5.37
CA GLY A 34 -9.37 -12.62 -5.80
C GLY A 34 -9.50 -11.12 -5.95
N GLU A 35 -9.54 -10.41 -4.81
CA GLU A 35 -9.58 -8.96 -4.78
C GLU A 35 -8.27 -8.39 -5.32
N LYS A 36 -8.32 -7.12 -5.73
CA LYS A 36 -7.19 -6.38 -6.25
C LYS A 36 -6.60 -5.54 -5.10
N ASN A 37 -5.49 -4.84 -5.38
CA ASN A 37 -4.91 -3.88 -4.45
C ASN A 37 -5.96 -2.85 -4.02
N GLN A 38 -6.12 -2.60 -2.70
CA GLN A 38 -7.07 -1.61 -2.18
C GLN A 38 -6.46 -0.75 -1.08
N CYS A 39 -6.46 0.59 -1.19
CA CYS A 39 -5.96 1.45 -0.12
C CYS A 39 -7.12 1.85 0.79
N VAL A 40 -7.23 1.20 1.96
CA VAL A 40 -8.30 1.43 2.91
C VAL A 40 -7.76 2.24 4.08
N THR A 41 -8.62 2.94 4.83
CA THR A 41 -8.13 3.74 5.94
C THR A 41 -7.64 2.84 7.10
N GLY A 42 -7.10 3.48 8.14
CA GLY A 42 -6.56 2.82 9.32
C GLY A 42 -5.04 2.90 9.25
N GLU A 43 -4.41 3.36 10.33
CA GLU A 43 -2.97 3.40 10.41
C GLU A 43 -2.41 2.00 10.15
N GLY A 44 -1.40 1.90 9.28
CA GLY A 44 -0.70 0.68 8.93
C GLY A 44 0.79 0.87 9.16
N THR A 45 1.61 0.04 8.51
CA THR A 45 3.06 0.06 8.67
C THR A 45 3.74 0.58 7.39
N PRO A 46 4.82 1.36 7.48
CA PRO A 46 5.56 1.81 6.31
C PRO A 46 6.35 0.65 5.69
N LYS A 47 6.35 0.58 4.36
CA LYS A 47 7.08 -0.45 3.63
C LYS A 47 8.55 -0.48 4.04
N PRO A 48 9.07 -1.61 4.55
CA PRO A 48 10.48 -1.73 4.85
C PRO A 48 11.25 -1.63 3.53
N GLN A 49 12.19 -0.69 3.48
CA GLN A 49 13.05 -0.48 2.34
C GLN A 49 14.02 -1.65 2.25
N SER A 50 14.54 -1.93 1.05
CA SER A 50 15.42 -3.05 0.78
C SER A 50 14.66 -4.38 0.94
N HIS A 51 14.08 -4.87 -0.15
CA HIS A 51 13.33 -6.09 -0.26
C HIS A 51 13.65 -6.63 -1.65
N VAL A 1 10.53 12.01 -6.09
CA VAL A 1 10.05 10.98 -5.16
C VAL A 1 9.36 9.84 -5.92
N VAL A 2 10.15 8.91 -6.46
CA VAL A 2 9.60 7.74 -7.14
C VAL A 2 9.06 6.78 -6.07
N TYR A 3 7.82 6.31 -6.23
CA TYR A 3 7.19 5.32 -5.37
C TYR A 3 7.07 3.97 -6.11
N THR A 4 6.66 2.91 -5.40
CA THR A 4 6.53 1.55 -5.93
C THR A 4 5.29 0.88 -5.32
N ASP A 5 4.87 -0.28 -5.84
CA ASP A 5 3.68 -0.98 -5.37
C ASP A 5 3.92 -1.59 -4.00
N CYS A 6 2.88 -2.11 -3.33
CA CYS A 6 3.06 -2.61 -1.99
C CYS A 6 3.54 -4.05 -2.07
N THR A 7 4.25 -4.49 -1.02
CA THR A 7 4.87 -5.80 -0.96
C THR A 7 4.08 -6.77 -0.07
N GLU A 8 3.45 -6.25 1.00
CA GLU A 8 2.63 -7.04 1.92
C GLU A 8 1.32 -6.30 2.18
N SER A 9 0.33 -7.01 2.71
CA SER A 9 -0.97 -6.44 3.05
C SER A 9 -0.91 -5.76 4.41
N GLY A 10 -1.54 -4.57 4.49
CA GLY A 10 -1.65 -3.81 5.72
C GLY A 10 -0.54 -2.78 5.83
N GLN A 11 -0.01 -2.33 4.68
CA GLN A 11 1.16 -1.47 4.62
C GLN A 11 0.85 -0.19 3.85
N ASN A 12 1.55 0.90 4.17
CA ASN A 12 1.35 2.20 3.52
C ASN A 12 2.66 2.73 2.94
N LEU A 13 2.62 3.91 2.32
CA LEU A 13 3.71 4.49 1.54
C LEU A 13 4.06 3.59 0.37
N CYS A 14 3.04 3.19 -0.39
CA CYS A 14 3.21 2.43 -1.62
C CYS A 14 1.98 2.60 -2.51
N LEU A 15 2.21 2.57 -3.83
CA LEU A 15 1.22 2.81 -4.87
C LEU A 15 0.17 1.71 -4.81
N CYS A 16 -1.12 2.07 -4.78
CA CYS A 16 -2.12 1.06 -4.46
C CYS A 16 -3.19 1.17 -5.52
N GLU A 17 -3.84 2.33 -5.52
CA GLU A 17 -4.80 2.68 -6.54
C GLU A 17 -4.03 3.51 -7.57
N GLY A 18 -3.49 2.84 -8.60
CA GLY A 18 -2.77 3.49 -9.68
C GLY A 18 -1.51 4.16 -9.14
N SER A 19 -1.26 5.40 -9.54
CA SER A 19 -0.09 6.16 -9.10
C SER A 19 -0.35 6.84 -7.74
N ASN A 20 -1.54 6.68 -7.15
CA ASN A 20 -1.83 7.28 -5.87
C ASN A 20 -1.22 6.39 -4.79
N VAL A 21 -0.27 6.95 -4.02
CA VAL A 21 0.33 6.26 -2.90
C VAL A 21 -0.70 6.14 -1.78
N CYS A 22 -0.78 4.98 -1.13
CA CYS A 22 -1.58 4.84 0.08
C CYS A 22 -0.85 5.55 1.21
N GLY A 23 -1.22 6.81 1.48
CA GLY A 23 -0.59 7.65 2.49
C GLY A 23 -0.83 7.14 3.92
N GLN A 24 -0.10 7.72 4.88
CA GLN A 24 -0.25 7.42 6.31
C GLN A 24 -1.69 7.68 6.79
N GLY A 25 -2.10 6.98 7.85
CA GLY A 25 -3.46 6.98 8.36
C GLY A 25 -4.37 6.00 7.60
N ASN A 26 -3.82 5.40 6.54
CA ASN A 26 -4.44 4.43 5.65
C ASN A 26 -3.44 3.28 5.49
N LYS A 27 -3.86 2.16 4.89
CA LYS A 27 -3.01 1.03 4.59
C LYS A 27 -3.58 0.31 3.35
N CYS A 28 -2.72 -0.29 2.55
CA CYS A 28 -3.06 -0.99 1.32
C CYS A 28 -3.00 -2.50 1.58
N ILE A 29 -4.04 -3.21 1.15
CA ILE A 29 -4.05 -4.66 1.20
C ILE A 29 -3.76 -5.17 -0.22
N LEU A 30 -2.78 -6.07 -0.37
CA LEU A 30 -2.48 -6.73 -1.63
C LEU A 30 -3.66 -7.63 -2.00
N GLY A 31 -3.95 -7.69 -3.30
CA GLY A 31 -5.05 -8.48 -3.81
C GLY A 31 -5.03 -9.92 -3.32
N SER A 32 -6.18 -10.40 -2.86
CA SER A 32 -6.36 -11.76 -2.38
C SER A 32 -6.62 -12.67 -3.57
N ASP A 33 -5.58 -12.80 -4.43
CA ASP A 33 -5.56 -13.68 -5.61
C ASP A 33 -6.87 -13.62 -6.41
N GLY A 34 -7.40 -12.40 -6.56
CA GLY A 34 -8.67 -12.15 -7.22
C GLY A 34 -8.92 -10.63 -7.26
N GLU A 35 -9.12 -10.02 -6.09
CA GLU A 35 -9.18 -8.58 -5.95
C GLU A 35 -7.86 -7.92 -6.34
N LYS A 36 -7.93 -6.63 -6.65
CA LYS A 36 -6.78 -5.79 -6.94
C LYS A 36 -6.39 -5.07 -5.65
N ASN A 37 -5.28 -4.33 -5.73
CA ASN A 37 -4.74 -3.52 -4.64
C ASN A 37 -5.87 -2.63 -4.08
N GLN A 38 -6.01 -2.57 -2.76
CA GLN A 38 -7.08 -1.79 -2.11
C GLN A 38 -6.53 -0.96 -0.96
N CYS A 39 -6.53 0.38 -1.09
CA CYS A 39 -6.04 1.28 -0.04
C CYS A 39 -7.20 1.71 0.83
N VAL A 40 -7.26 1.22 2.07
CA VAL A 40 -8.36 1.48 2.98
C VAL A 40 -7.82 2.27 4.17
N THR A 41 -8.68 3.05 4.84
CA THR A 41 -8.25 3.87 5.96
C THR A 41 -7.90 2.99 7.18
N GLY A 42 -7.18 3.58 8.15
CA GLY A 42 -6.64 2.92 9.33
C GLY A 42 -5.12 2.94 9.23
N GLU A 43 -4.42 3.43 10.26
CA GLU A 43 -2.97 3.37 10.34
C GLU A 43 -2.47 1.97 9.99
N GLY A 44 -1.29 1.92 9.38
CA GLY A 44 -0.60 0.70 9.01
C GLY A 44 0.90 0.94 9.10
N THR A 45 1.68 -0.11 8.88
CA THR A 45 3.13 -0.05 8.87
C THR A 45 3.61 0.65 7.59
N PRO A 46 4.59 1.56 7.65
CA PRO A 46 5.15 2.18 6.45
C PRO A 46 6.00 1.16 5.69
N LYS A 47 5.91 1.15 4.36
CA LYS A 47 6.65 0.21 3.54
C LYS A 47 8.16 0.31 3.81
N PRO A 48 8.79 -0.74 4.35
CA PRO A 48 10.23 -0.78 4.54
C PRO A 48 10.91 -1.04 3.19
N GLN A 49 12.23 -0.81 3.16
CA GLN A 49 13.05 -1.03 2.00
C GLN A 49 13.44 -2.52 1.90
N SER A 50 13.80 -2.96 0.69
CA SER A 50 14.19 -4.33 0.41
C SER A 50 15.71 -4.43 0.31
N HIS A 51 16.29 -3.70 -0.63
CA HIS A 51 17.73 -3.54 -0.80
C HIS A 51 17.94 -2.09 -1.20
N VAL A 1 11.11 12.68 -5.86
CA VAL A 1 11.18 11.33 -5.27
C VAL A 1 10.38 10.41 -6.18
N VAL A 2 10.66 9.11 -6.19
CA VAL A 2 9.91 8.11 -6.96
C VAL A 2 9.23 7.19 -5.94
N TYR A 3 8.13 6.56 -6.34
CA TYR A 3 7.37 5.62 -5.52
C TYR A 3 7.12 4.35 -6.33
N THR A 4 6.79 3.27 -5.63
CA THR A 4 6.54 1.95 -6.18
C THR A 4 5.41 1.30 -5.37
N ASP A 5 4.90 0.16 -5.83
CA ASP A 5 3.81 -0.56 -5.19
C ASP A 5 4.25 -1.21 -3.87
N CYS A 6 3.28 -1.60 -3.04
CA CYS A 6 3.52 -2.44 -1.87
C CYS A 6 3.53 -3.92 -2.25
N THR A 7 3.99 -4.76 -1.31
CA THR A 7 4.15 -6.20 -1.48
C THR A 7 3.33 -7.01 -0.47
N GLU A 8 3.26 -6.60 0.80
CA GLU A 8 2.44 -7.28 1.82
C GLU A 8 1.25 -6.41 2.22
N SER A 9 0.22 -7.03 2.83
CA SER A 9 -0.99 -6.34 3.24
C SER A 9 -0.81 -5.62 4.56
N GLY A 10 -1.51 -4.50 4.73
CA GLY A 10 -1.47 -3.70 5.94
C GLY A 10 -0.25 -2.79 5.99
N GLN A 11 0.55 -2.80 4.93
CA GLN A 11 1.65 -1.88 4.73
C GLN A 11 1.05 -0.58 4.16
N ASN A 12 1.84 0.49 4.07
CA ASN A 12 1.41 1.77 3.50
C ASN A 12 2.62 2.52 2.95
N LEU A 13 2.39 3.78 2.56
CA LEU A 13 3.39 4.69 2.02
C LEU A 13 4.02 4.12 0.74
N CYS A 14 3.16 3.76 -0.20
CA CYS A 14 3.48 3.04 -1.44
C CYS A 14 2.25 3.15 -2.33
N LEU A 15 2.42 2.92 -3.63
CA LEU A 15 1.35 3.01 -4.62
C LEU A 15 0.38 1.85 -4.43
N CYS A 16 -0.93 2.11 -4.58
CA CYS A 16 -1.88 1.06 -4.23
C CYS A 16 -3.02 1.08 -5.24
N GLU A 17 -3.75 2.18 -5.23
CA GLU A 17 -4.78 2.43 -6.23
C GLU A 17 -4.13 3.23 -7.36
N GLY A 18 -3.63 2.50 -8.35
CA GLY A 18 -2.90 3.08 -9.47
C GLY A 18 -1.70 3.86 -8.93
N SER A 19 -1.53 5.10 -9.38
CA SER A 19 -0.40 5.93 -8.99
C SER A 19 -0.68 6.70 -7.69
N ASN A 20 -1.75 6.37 -6.96
CA ASN A 20 -2.03 7.01 -5.69
C ASN A 20 -1.29 6.28 -4.56
N VAL A 21 -0.51 7.04 -3.80
CA VAL A 21 0.23 6.56 -2.65
C VAL A 21 -0.76 6.39 -1.49
N CYS A 22 -0.83 5.18 -0.93
CA CYS A 22 -1.65 4.90 0.23
C CYS A 22 -0.94 5.45 1.47
N GLY A 23 -1.16 6.73 1.79
CA GLY A 23 -0.40 7.45 2.82
C GLY A 23 -0.65 6.98 4.25
N GLN A 24 -0.05 7.69 5.23
CA GLN A 24 -0.43 7.57 6.62
C GLN A 24 -1.92 7.91 6.78
N GLY A 25 -2.56 7.27 7.77
CA GLY A 25 -4.01 7.33 7.91
C GLY A 25 -4.72 6.32 7.00
N ASN A 26 -3.96 5.48 6.27
CA ASN A 26 -4.49 4.50 5.33
C ASN A 26 -3.72 3.18 5.49
N LYS A 27 -4.17 2.15 4.77
CA LYS A 27 -3.57 0.82 4.76
C LYS A 27 -3.77 0.17 3.40
N CYS A 28 -2.73 -0.43 2.81
CA CYS A 28 -2.85 -1.07 1.51
C CYS A 28 -2.91 -2.57 1.71
N ILE A 29 -4.02 -3.19 1.32
CA ILE A 29 -4.23 -4.63 1.39
C ILE A 29 -4.01 -5.17 -0.03
N LEU A 30 -3.05 -6.10 -0.17
CA LEU A 30 -2.84 -6.83 -1.42
C LEU A 30 -4.03 -7.73 -1.70
N GLY A 31 -4.35 -7.91 -2.99
CA GLY A 31 -5.42 -8.79 -3.44
C GLY A 31 -5.12 -10.25 -3.10
N SER A 32 -6.11 -11.14 -3.27
CA SER A 32 -6.01 -12.52 -2.88
C SER A 32 -6.72 -13.40 -3.91
N ASP A 33 -5.93 -13.88 -4.88
CA ASP A 33 -6.25 -14.82 -5.94
C ASP A 33 -6.61 -14.05 -7.22
N GLY A 34 -5.59 -13.48 -7.85
CA GLY A 34 -5.73 -12.76 -9.11
C GLY A 34 -6.57 -11.49 -8.96
N GLU A 35 -6.14 -10.58 -8.07
CA GLU A 35 -6.85 -9.36 -7.74
C GLU A 35 -5.89 -8.17 -7.73
N LYS A 36 -6.47 -6.96 -7.62
CA LYS A 36 -5.75 -5.70 -7.58
C LYS A 36 -5.55 -5.26 -6.12
N ASN A 37 -4.77 -4.20 -5.93
CA ASN A 37 -4.43 -3.66 -4.62
C ASN A 37 -5.58 -2.79 -4.09
N GLN A 38 -5.75 -2.68 -2.77
CA GLN A 38 -6.86 -1.94 -2.16
C GLN A 38 -6.36 -1.04 -1.02
N CYS A 39 -6.56 0.28 -1.10
CA CYS A 39 -6.11 1.22 -0.06
C CYS A 39 -7.29 1.64 0.81
N VAL A 40 -7.36 1.14 2.06
CA VAL A 40 -8.47 1.46 2.96
C VAL A 40 -8.01 2.50 3.98
N THR A 41 -8.96 3.18 4.63
CA THR A 41 -8.66 4.15 5.69
C THR A 41 -8.26 3.38 6.96
N GLY A 42 -7.41 3.99 7.80
CA GLY A 42 -7.04 3.44 9.08
C GLY A 42 -5.62 3.87 9.43
N GLU A 43 -4.68 2.93 9.54
CA GLU A 43 -3.27 3.17 9.79
C GLU A 43 -2.49 1.88 9.52
N GLY A 44 -1.28 1.99 8.96
CA GLY A 44 -0.51 0.88 8.42
C GLY A 44 0.99 1.20 8.54
N THR A 45 1.85 0.21 8.27
CA THR A 45 3.30 0.36 8.45
C THR A 45 3.97 0.69 7.10
N PRO A 46 4.94 1.62 7.02
CA PRO A 46 5.54 1.99 5.75
C PRO A 46 6.37 0.82 5.20
N LYS A 47 6.37 0.62 3.88
CA LYS A 47 7.16 -0.46 3.29
C LYS A 47 8.64 -0.34 3.70
N PRO A 48 9.21 -1.32 4.41
CA PRO A 48 10.62 -1.29 4.74
C PRO A 48 11.44 -1.64 3.49
N GLN A 49 12.69 -1.16 3.44
CA GLN A 49 13.66 -1.53 2.43
C GLN A 49 13.89 -3.06 2.40
N SER A 50 14.41 -3.55 1.28
CA SER A 50 14.69 -4.95 1.04
C SER A 50 16.01 -5.37 1.67
N HIS A 51 17.07 -4.61 1.39
CA HIS A 51 18.41 -4.84 1.92
C HIS A 51 18.51 -4.28 3.33
N VAL A 1 11.55 12.07 -4.57
CA VAL A 1 11.14 10.92 -3.74
C VAL A 1 10.42 9.92 -4.65
N VAL A 2 11.07 8.81 -5.00
CA VAL A 2 10.50 7.80 -5.87
C VAL A 2 9.60 6.88 -5.01
N TYR A 3 8.42 6.53 -5.53
CA TYR A 3 7.49 5.61 -4.88
C TYR A 3 7.49 4.28 -5.63
N THR A 4 7.06 3.19 -4.97
CA THR A 4 7.01 1.84 -5.52
C THR A 4 5.68 1.19 -5.09
N ASP A 5 5.28 0.07 -5.72
CA ASP A 5 4.00 -0.58 -5.44
C ASP A 5 4.05 -1.34 -4.12
N CYS A 6 2.91 -1.69 -3.51
CA CYS A 6 2.96 -2.35 -2.21
C CYS A 6 3.22 -3.83 -2.42
N THR A 7 4.05 -4.42 -1.55
CA THR A 7 4.46 -5.81 -1.69
C THR A 7 3.86 -6.73 -0.62
N GLU A 8 3.25 -6.16 0.43
CA GLU A 8 2.61 -6.88 1.53
C GLU A 8 1.34 -6.13 1.96
N SER A 9 0.30 -6.87 2.39
CA SER A 9 -0.95 -6.29 2.84
C SER A 9 -0.80 -5.66 4.22
N GLY A 10 -1.71 -4.74 4.53
CA GLY A 10 -1.79 -4.04 5.80
C GLY A 10 -0.69 -2.98 5.92
N GLN A 11 -0.06 -2.63 4.79
CA GLN A 11 1.10 -1.76 4.76
C GLN A 11 0.81 -0.56 3.86
N ASN A 12 1.52 0.55 4.05
CA ASN A 12 1.24 1.81 3.34
C ASN A 12 2.54 2.44 2.86
N LEU A 13 2.53 3.71 2.43
CA LEU A 13 3.71 4.39 1.89
C LEU A 13 4.18 3.71 0.59
N CYS A 14 3.22 3.28 -0.23
CA CYS A 14 3.48 2.63 -1.50
C CYS A 14 2.26 2.77 -2.40
N LEU A 15 2.51 2.72 -3.71
CA LEU A 15 1.48 2.80 -4.74
C LEU A 15 0.60 1.55 -4.57
N CYS A 16 -0.68 1.78 -4.31
CA CYS A 16 -1.62 0.73 -3.98
C CYS A 16 -2.70 0.74 -5.05
N GLU A 17 -3.44 1.85 -5.11
CA GLU A 17 -4.43 2.11 -6.14
C GLU A 17 -3.80 3.03 -7.21
N GLY A 18 -3.40 2.44 -8.34
CA GLY A 18 -2.81 3.18 -9.45
C GLY A 18 -1.55 3.92 -8.99
N SER A 19 -1.37 5.16 -9.44
CA SER A 19 -0.23 5.99 -9.04
C SER A 19 -0.48 6.68 -7.69
N ASN A 20 -1.64 6.44 -7.05
CA ASN A 20 -1.97 7.10 -5.81
C ASN A 20 -1.31 6.30 -4.69
N VAL A 21 -0.38 6.95 -3.98
CA VAL A 21 0.27 6.30 -2.86
C VAL A 21 -0.73 6.15 -1.72
N CYS A 22 -0.74 4.99 -1.06
CA CYS A 22 -1.49 4.83 0.17
C CYS A 22 -0.77 5.59 1.28
N GLY A 23 -1.15 6.84 1.51
CA GLY A 23 -0.55 7.71 2.52
C GLY A 23 -0.73 7.20 3.95
N GLN A 24 -0.06 7.85 4.90
CA GLN A 24 -0.23 7.63 6.33
C GLN A 24 -1.67 7.89 6.80
N GLY A 25 -2.18 7.01 7.67
CA GLY A 25 -3.57 7.02 8.09
C GLY A 25 -4.42 6.11 7.20
N ASN A 26 -3.76 5.32 6.35
CA ASN A 26 -4.35 4.37 5.41
C ASN A 26 -3.49 3.10 5.39
N LYS A 27 -4.01 1.98 4.87
CA LYS A 27 -3.33 0.71 4.70
C LYS A 27 -3.71 0.11 3.34
N CYS A 28 -2.74 -0.45 2.62
CA CYS A 28 -2.94 -1.16 1.37
C CYS A 28 -3.17 -2.62 1.66
N ILE A 29 -4.24 -3.20 1.13
CA ILE A 29 -4.51 -4.63 1.19
C ILE A 29 -4.33 -5.15 -0.23
N LEU A 30 -3.30 -5.96 -0.48
CA LEU A 30 -3.04 -6.57 -1.78
C LEU A 30 -3.98 -7.75 -2.01
N GLY A 31 -5.27 -7.43 -2.07
CA GLY A 31 -6.34 -8.39 -2.13
C GLY A 31 -6.17 -9.55 -1.15
N SER A 32 -6.42 -10.76 -1.66
CA SER A 32 -6.30 -12.01 -0.94
C SER A 32 -6.11 -13.12 -1.96
N ASP A 33 -4.91 -13.16 -2.56
CA ASP A 33 -4.50 -14.17 -3.53
C ASP A 33 -5.52 -14.26 -4.70
N GLY A 34 -6.00 -13.12 -5.19
CA GLY A 34 -7.02 -13.08 -6.23
C GLY A 34 -7.64 -11.69 -6.39
N GLU A 35 -8.06 -11.09 -5.28
CA GLU A 35 -8.48 -9.69 -5.26
C GLU A 35 -7.31 -8.76 -5.62
N LYS A 36 -7.65 -7.52 -5.97
CA LYS A 36 -6.70 -6.48 -6.35
C LYS A 36 -6.35 -5.62 -5.13
N ASN A 37 -5.42 -4.69 -5.32
CA ASN A 37 -4.93 -3.76 -4.31
C ASN A 37 -6.08 -2.86 -3.79
N GLN A 38 -6.19 -2.66 -2.48
CA GLN A 38 -7.23 -1.83 -1.87
C GLN A 38 -6.59 -0.94 -0.79
N CYS A 39 -6.46 0.37 -1.04
CA CYS A 39 -5.97 1.32 -0.04
C CYS A 39 -7.12 1.73 0.88
N VAL A 40 -7.29 1.04 2.01
CA VAL A 40 -8.35 1.33 2.98
C VAL A 40 -7.83 2.35 4.00
N THR A 41 -8.75 2.97 4.76
CA THR A 41 -8.38 3.91 5.81
C THR A 41 -7.80 3.18 7.03
N GLY A 42 -7.19 3.91 7.96
CA GLY A 42 -6.63 3.40 9.20
C GLY A 42 -5.10 3.42 9.12
N GLU A 43 -4.41 3.84 10.18
CA GLU A 43 -2.96 3.84 10.18
C GLU A 43 -2.43 2.40 10.10
N GLY A 44 -1.29 2.18 9.44
CA GLY A 44 -0.62 0.89 9.35
C GLY A 44 0.91 1.05 9.39
N THR A 45 1.61 -0.05 9.14
CA THR A 45 3.05 -0.11 8.88
C THR A 45 3.42 0.44 7.49
N PRO A 46 4.44 1.33 7.41
CA PRO A 46 4.93 1.90 6.16
C PRO A 46 5.84 0.89 5.45
N LYS A 47 5.82 0.90 4.12
CA LYS A 47 6.61 0.00 3.31
C LYS A 47 8.06 0.46 3.28
N PRO A 48 9.00 -0.36 3.76
CA PRO A 48 10.40 -0.06 3.61
C PRO A 48 10.79 -0.30 2.16
N GLN A 49 11.61 0.58 1.59
CA GLN A 49 12.06 0.46 0.23
C GLN A 49 12.94 -0.80 0.07
N SER A 50 12.99 -1.35 -1.14
CA SER A 50 13.74 -2.58 -1.41
C SER A 50 15.26 -2.33 -1.36
N HIS A 51 15.70 -1.20 -1.91
CA HIS A 51 17.10 -0.81 -1.93
C HIS A 51 17.60 -0.56 -0.52
N VAL A 1 8.18 11.40 -8.97
CA VAL A 1 7.61 10.93 -7.70
C VAL A 1 8.31 9.62 -7.32
N VAL A 2 9.07 9.62 -6.22
CA VAL A 2 9.80 8.46 -5.75
C VAL A 2 8.83 7.61 -4.91
N TYR A 3 8.11 6.68 -5.55
CA TYR A 3 7.26 5.71 -4.89
C TYR A 3 7.32 4.36 -5.63
N THR A 4 6.83 3.29 -5.01
CA THR A 4 6.84 1.92 -5.50
C THR A 4 5.58 1.21 -5.00
N ASP A 5 5.21 0.07 -5.59
CA ASP A 5 3.95 -0.63 -5.28
C ASP A 5 4.09 -1.47 -4.00
N CYS A 6 2.99 -1.83 -3.32
CA CYS A 6 3.13 -2.48 -2.00
C CYS A 6 3.37 -3.97 -2.21
N THR A 7 4.02 -4.64 -1.24
CA THR A 7 4.39 -6.04 -1.33
C THR A 7 3.66 -6.95 -0.32
N GLU A 8 3.03 -6.38 0.71
CA GLU A 8 2.25 -7.12 1.69
C GLU A 8 1.04 -6.29 2.13
N SER A 9 -0.04 -6.95 2.54
CA SER A 9 -1.25 -6.28 2.98
C SER A 9 -1.06 -5.72 4.39
N GLY A 10 -1.66 -4.57 4.64
CA GLY A 10 -1.58 -3.89 5.91
C GLY A 10 -0.37 -2.96 6.00
N GLN A 11 0.40 -2.80 4.91
CA GLN A 11 1.45 -1.82 4.84
C GLN A 11 0.87 -0.51 4.29
N ASN A 12 1.66 0.57 4.26
CA ASN A 12 1.31 1.82 3.57
C ASN A 12 2.58 2.53 3.10
N LEU A 13 2.43 3.76 2.59
CA LEU A 13 3.56 4.54 2.08
C LEU A 13 4.14 3.87 0.83
N CYS A 14 3.25 3.44 -0.06
CA CYS A 14 3.53 2.77 -1.32
C CYS A 14 2.29 2.87 -2.22
N LEU A 15 2.50 2.85 -3.54
CA LEU A 15 1.46 2.89 -4.55
C LEU A 15 0.57 1.68 -4.34
N CYS A 16 -0.75 1.90 -4.39
CA CYS A 16 -1.70 0.86 -4.06
C CYS A 16 -2.74 0.86 -5.17
N GLU A 17 -3.53 1.91 -5.22
CA GLU A 17 -4.55 2.07 -6.24
C GLU A 17 -3.94 2.80 -7.42
N GLY A 18 -3.37 2.03 -8.35
CA GLY A 18 -2.65 2.58 -9.49
C GLY A 18 -1.53 3.47 -8.99
N SER A 19 -1.42 4.69 -9.54
CA SER A 19 -0.39 5.62 -9.13
C SER A 19 -0.74 6.35 -7.82
N ASN A 20 -1.82 5.99 -7.15
CA ASN A 20 -2.19 6.66 -5.91
C ASN A 20 -1.40 6.01 -4.77
N VAL A 21 -0.58 6.82 -4.11
CA VAL A 21 0.18 6.39 -2.94
C VAL A 21 -0.78 6.23 -1.77
N CYS A 22 -0.73 5.08 -1.09
CA CYS A 22 -1.55 4.87 0.09
C CYS A 22 -0.91 5.63 1.25
N GLY A 23 -1.27 6.91 1.34
CA GLY A 23 -0.73 7.88 2.27
C GLY A 23 -0.91 7.47 3.74
N GLN A 24 -0.06 8.05 4.61
CA GLN A 24 -0.14 7.89 6.05
C GLN A 24 -1.58 8.03 6.56
N GLY A 25 -1.99 7.16 7.49
CA GLY A 25 -3.36 7.08 7.98
C GLY A 25 -4.16 6.02 7.21
N ASN A 26 -3.86 5.88 5.92
CA ASN A 26 -4.42 4.84 5.09
C ASN A 26 -3.59 3.56 5.26
N LYS A 27 -4.13 2.43 4.79
CA LYS A 27 -3.49 1.12 4.80
C LYS A 27 -3.82 0.44 3.47
N CYS A 28 -2.81 -0.05 2.77
CA CYS A 28 -2.97 -0.78 1.53
C CYS A 28 -3.19 -2.26 1.84
N ILE A 29 -4.15 -2.87 1.16
CA ILE A 29 -4.38 -4.29 1.11
C ILE A 29 -4.07 -4.68 -0.35
N LEU A 30 -3.14 -5.61 -0.54
CA LEU A 30 -2.93 -6.26 -1.83
C LEU A 30 -4.09 -7.21 -2.09
N GLY A 31 -4.41 -7.40 -3.37
CA GLY A 31 -5.41 -8.36 -3.79
C GLY A 31 -4.91 -9.81 -3.66
N SER A 32 -5.85 -10.71 -3.40
CA SER A 32 -5.70 -12.14 -3.18
C SER A 32 -5.72 -12.83 -4.54
N ASP A 33 -4.66 -12.63 -5.33
CA ASP A 33 -4.40 -13.33 -6.59
C ASP A 33 -5.65 -13.37 -7.50
N GLY A 34 -6.38 -12.26 -7.53
CA GLY A 34 -7.62 -12.14 -8.28
C GLY A 34 -8.15 -10.73 -8.13
N GLU A 35 -8.44 -10.32 -6.89
CA GLU A 35 -8.77 -8.93 -6.60
C GLU A 35 -7.57 -8.03 -6.87
N LYS A 36 -7.84 -6.72 -6.96
CA LYS A 36 -6.85 -5.69 -7.20
C LYS A 36 -6.44 -5.10 -5.85
N ASN A 37 -5.45 -4.20 -5.86
CA ASN A 37 -5.05 -3.44 -4.69
C ASN A 37 -6.19 -2.57 -4.17
N GLN A 38 -6.23 -2.33 -2.85
CA GLN A 38 -7.24 -1.50 -2.20
C GLN A 38 -6.56 -0.67 -1.10
N CYS A 39 -6.69 0.66 -1.12
CA CYS A 39 -6.14 1.55 -0.09
C CYS A 39 -7.27 2.02 0.82
N VAL A 40 -7.41 1.39 1.99
CA VAL A 40 -8.48 1.67 2.93
C VAL A 40 -7.93 2.52 4.08
N THR A 41 -8.77 2.89 5.05
CA THR A 41 -8.38 3.73 6.16
C THR A 41 -8.15 2.86 7.39
N GLY A 42 -7.11 3.13 8.20
CA GLY A 42 -6.81 2.27 9.34
C GLY A 42 -5.42 2.49 9.94
N GLU A 43 -4.48 3.01 9.15
CA GLU A 43 -3.06 3.13 9.48
C GLU A 43 -2.40 1.74 9.54
N GLY A 44 -1.14 1.64 9.11
CA GLY A 44 -0.39 0.40 9.09
C GLY A 44 1.11 0.70 9.10
N THR A 45 1.92 -0.34 8.92
CA THR A 45 3.37 -0.23 8.85
C THR A 45 3.81 0.39 7.51
N PRO A 46 4.77 1.34 7.51
CA PRO A 46 5.28 1.92 6.27
C PRO A 46 6.18 0.90 5.54
N LYS A 47 6.12 0.88 4.22
CA LYS A 47 7.03 0.04 3.42
C LYS A 47 8.51 0.31 3.77
N PRO A 48 9.42 -0.67 3.57
CA PRO A 48 10.84 -0.46 3.77
C PRO A 48 11.36 0.42 2.62
N GLN A 49 12.42 1.18 2.92
CA GLN A 49 13.00 2.16 2.01
C GLN A 49 14.13 1.48 1.22
N SER A 50 14.05 1.49 -0.11
CA SER A 50 14.91 0.75 -1.03
C SER A 50 14.56 -0.73 -1.01
N HIS A 51 14.81 -1.40 -2.14
CA HIS A 51 14.56 -2.82 -2.34
C HIS A 51 13.09 -3.15 -2.00
N VAL A 1 9.17 12.51 -7.09
CA VAL A 1 8.03 11.68 -6.62
C VAL A 1 8.09 10.31 -7.30
N VAL A 2 9.02 9.45 -6.88
CA VAL A 2 9.16 8.11 -7.40
C VAL A 2 8.89 7.15 -6.24
N TYR A 3 7.72 6.51 -6.27
CA TYR A 3 7.31 5.51 -5.29
C TYR A 3 7.32 4.12 -5.94
N THR A 4 6.86 3.09 -5.23
CA THR A 4 6.83 1.71 -5.71
C THR A 4 5.57 1.02 -5.18
N ASP A 5 5.20 -0.13 -5.75
CA ASP A 5 3.97 -0.83 -5.40
C ASP A 5 4.10 -1.51 -4.04
N CYS A 6 2.97 -1.94 -3.45
CA CYS A 6 3.00 -2.52 -2.11
C CYS A 6 3.29 -4.00 -2.24
N THR A 7 4.07 -4.55 -1.31
CA THR A 7 4.57 -5.91 -1.40
C THR A 7 3.85 -6.83 -0.41
N GLU A 8 3.15 -6.26 0.59
CA GLU A 8 2.44 -6.97 1.64
C GLU A 8 1.21 -6.16 2.06
N SER A 9 0.17 -6.83 2.57
CA SER A 9 -1.05 -6.17 3.03
C SER A 9 -0.79 -5.38 4.32
N GLY A 10 -1.64 -4.39 4.59
CA GLY A 10 -1.56 -3.61 5.82
C GLY A 10 -0.44 -2.58 5.75
N GLN A 11 0.21 -2.46 4.60
CA GLN A 11 1.35 -1.61 4.40
C GLN A 11 0.91 -0.29 3.77
N ASN A 12 1.77 0.72 3.80
CA ASN A 12 1.46 2.02 3.20
C ASN A 12 2.76 2.64 2.68
N LEU A 13 2.63 3.86 2.15
CA LEU A 13 3.69 4.60 1.49
C LEU A 13 4.11 3.89 0.20
N CYS A 14 3.13 3.29 -0.47
CA CYS A 14 3.35 2.52 -1.69
C CYS A 14 2.13 2.66 -2.58
N LEU A 15 2.38 2.55 -3.90
CA LEU A 15 1.40 2.75 -4.96
C LEU A 15 0.44 1.56 -4.93
N CYS A 16 -0.79 1.81 -4.47
CA CYS A 16 -1.75 0.75 -4.17
C CYS A 16 -2.82 0.74 -5.25
N GLU A 17 -3.56 1.85 -5.32
CA GLU A 17 -4.49 2.14 -6.40
C GLU A 17 -3.78 3.02 -7.44
N GLY A 18 -3.31 2.39 -8.52
CA GLY A 18 -2.68 3.11 -9.62
C GLY A 18 -1.45 3.89 -9.13
N SER A 19 -1.32 5.16 -9.53
CA SER A 19 -0.23 6.02 -9.09
C SER A 19 -0.54 6.65 -7.73
N ASN A 20 -1.72 6.40 -7.16
CA ASN A 20 -2.15 7.05 -5.93
C ASN A 20 -1.39 6.42 -4.77
N VAL A 21 -0.67 7.23 -4.01
CA VAL A 21 0.22 6.80 -2.96
C VAL A 21 -0.60 6.61 -1.68
N CYS A 22 -0.52 5.43 -1.05
CA CYS A 22 -1.28 5.19 0.16
C CYS A 22 -0.60 5.87 1.34
N GLY A 23 -0.98 7.13 1.65
CA GLY A 23 -0.40 7.86 2.76
C GLY A 23 -0.63 7.18 4.13
N GLN A 24 0.17 7.57 5.13
CA GLN A 24 -0.01 7.16 6.52
C GLN A 24 -1.45 7.40 7.00
N GLY A 25 -1.89 6.63 7.99
CA GLY A 25 -3.28 6.64 8.46
C GLY A 25 -4.12 5.61 7.70
N ASN A 26 -3.63 5.18 6.54
CA ASN A 26 -4.26 4.25 5.62
C ASN A 26 -3.36 3.02 5.45
N LYS A 27 -3.89 1.94 4.85
CA LYS A 27 -3.17 0.72 4.53
C LYS A 27 -3.72 0.11 3.24
N CYS A 28 -2.81 -0.42 2.42
CA CYS A 28 -3.06 -1.15 1.19
C CYS A 28 -3.24 -2.61 1.52
N ILE A 29 -4.38 -3.19 1.16
CA ILE A 29 -4.59 -4.63 1.29
C ILE A 29 -4.37 -5.26 -0.09
N LEU A 30 -3.46 -6.23 -0.25
CA LEU A 30 -3.16 -6.86 -1.55
C LEU A 30 -4.30 -7.84 -1.96
N GLY A 31 -5.51 -7.32 -2.16
CA GLY A 31 -6.76 -8.11 -2.22
C GLY A 31 -7.09 -8.84 -0.91
N SER A 32 -8.34 -9.32 -0.66
CA SER A 32 -8.43 -10.51 0.20
C SER A 32 -9.52 -11.57 -0.12
N ASP A 33 -9.74 -11.91 -1.40
CA ASP A 33 -11.12 -12.22 -1.85
C ASP A 33 -11.31 -12.12 -3.37
N GLY A 34 -10.24 -12.36 -4.14
CA GLY A 34 -10.30 -12.34 -5.60
C GLY A 34 -10.26 -10.93 -6.20
N GLU A 35 -10.15 -9.91 -5.33
CA GLU A 35 -9.99 -8.52 -5.74
C GLU A 35 -8.49 -8.19 -5.80
N LYS A 36 -8.23 -6.99 -6.31
CA LYS A 36 -6.93 -6.34 -6.46
C LYS A 36 -6.59 -5.58 -5.17
N ASN A 37 -5.39 -4.97 -5.15
CA ASN A 37 -4.95 -4.02 -4.14
C ASN A 37 -6.01 -2.96 -3.78
N GLN A 38 -6.06 -2.51 -2.52
CA GLN A 38 -6.99 -1.48 -2.05
C GLN A 38 -6.50 -0.74 -0.80
N CYS A 39 -6.24 0.57 -0.93
CA CYS A 39 -5.77 1.44 0.14
C CYS A 39 -6.95 2.03 0.91
N VAL A 40 -7.14 1.61 2.17
CA VAL A 40 -8.26 2.03 3.01
C VAL A 40 -7.74 2.63 4.31
N THR A 41 -8.52 3.50 4.95
CA THR A 41 -8.15 4.09 6.23
C THR A 41 -8.07 3.01 7.32
N GLY A 42 -7.18 3.21 8.29
CA GLY A 42 -7.08 2.38 9.49
C GLY A 42 -5.63 2.11 9.86
N GLU A 43 -4.82 3.16 9.95
CA GLU A 43 -3.44 3.20 10.43
C GLU A 43 -2.57 2.01 9.97
N GLY A 44 -1.99 2.11 8.76
CA GLY A 44 -1.13 1.08 8.21
C GLY A 44 0.33 1.26 8.62
N THR A 45 1.15 0.28 8.24
CA THR A 45 2.59 0.27 8.49
C THR A 45 3.34 0.79 7.25
N PRO A 46 4.34 1.68 7.38
CA PRO A 46 5.08 2.16 6.21
C PRO A 46 5.91 1.04 5.60
N LYS A 47 6.18 1.12 4.28
CA LYS A 47 7.06 0.18 3.59
C LYS A 47 8.53 0.51 3.85
N PRO A 48 9.29 -0.34 4.59
CA PRO A 48 10.71 -0.13 4.72
C PRO A 48 11.41 -0.47 3.40
N GLN A 49 12.53 0.21 3.14
CA GLN A 49 13.38 -0.05 1.98
C GLN A 49 14.29 -1.24 2.27
N SER A 50 14.90 -1.80 1.23
CA SER A 50 15.90 -2.85 1.33
C SER A 50 17.28 -2.24 1.11
N HIS A 51 18.32 -2.94 1.58
CA HIS A 51 19.73 -2.61 1.46
C HIS A 51 20.07 -1.21 1.99
N VAL A 1 10.54 12.52 -4.83
CA VAL A 1 10.62 11.21 -4.17
C VAL A 1 9.90 10.21 -5.07
N VAL A 2 10.57 9.12 -5.46
CA VAL A 2 10.00 8.09 -6.32
C VAL A 2 9.25 7.10 -5.43
N TYR A 3 8.13 6.55 -5.93
CA TYR A 3 7.31 5.57 -5.25
C TYR A 3 7.26 4.26 -6.03
N THR A 4 6.81 3.19 -5.38
CA THR A 4 6.77 1.83 -5.92
C THR A 4 5.56 1.10 -5.31
N ASP A 5 5.21 -0.10 -5.79
CA ASP A 5 4.00 -0.79 -5.38
C ASP A 5 4.19 -1.46 -4.01
N CYS A 6 3.06 -1.88 -3.40
CA CYS A 6 3.14 -2.50 -2.08
C CYS A 6 3.47 -3.98 -2.28
N THR A 7 3.77 -4.66 -1.18
CA THR A 7 4.28 -6.02 -1.20
C THR A 7 3.57 -6.90 -0.18
N GLU A 8 3.26 -6.37 1.01
CA GLU A 8 2.47 -7.03 2.03
C GLU A 8 1.18 -6.24 2.30
N SER A 9 0.10 -6.94 2.64
CA SER A 9 -1.17 -6.32 2.97
C SER A 9 -1.11 -5.69 4.35
N GLY A 10 -1.70 -4.50 4.48
CA GLY A 10 -1.78 -3.80 5.77
C GLY A 10 -0.69 -2.73 5.89
N GLN A 11 0.18 -2.62 4.88
CA GLN A 11 1.29 -1.69 4.85
C GLN A 11 0.87 -0.42 4.12
N ASN A 12 1.70 0.62 4.09
CA ASN A 12 1.41 1.83 3.35
C ASN A 12 2.71 2.49 2.85
N LEU A 13 2.60 3.69 2.27
CA LEU A 13 3.70 4.47 1.72
C LEU A 13 4.25 3.85 0.42
N CYS A 14 3.32 3.35 -0.38
CA CYS A 14 3.52 2.68 -1.66
C CYS A 14 2.26 2.81 -2.50
N LEU A 15 2.43 2.75 -3.83
CA LEU A 15 1.39 2.90 -4.83
C LEU A 15 0.43 1.73 -4.68
N CYS A 16 -0.87 2.02 -4.57
CA CYS A 16 -1.81 0.97 -4.19
C CYS A 16 -2.83 0.85 -5.31
N GLU A 17 -3.57 1.93 -5.49
CA GLU A 17 -4.53 2.06 -6.57
C GLU A 17 -3.93 3.01 -7.61
N GLY A 18 -3.47 2.47 -8.72
CA GLY A 18 -2.81 3.23 -9.76
C GLY A 18 -1.57 3.92 -9.19
N SER A 19 -1.37 5.19 -9.56
CA SER A 19 -0.24 5.99 -9.11
C SER A 19 -0.50 6.65 -7.76
N ASN A 20 -1.68 6.49 -7.20
CA ASN A 20 -2.02 7.07 -5.91
C ASN A 20 -1.34 6.25 -4.82
N VAL A 21 -0.45 6.90 -4.07
CA VAL A 21 0.21 6.28 -2.93
C VAL A 21 -0.79 6.13 -1.79
N CYS A 22 -0.74 5.00 -1.08
CA CYS A 22 -1.50 4.85 0.15
C CYS A 22 -0.74 5.60 1.25
N GLY A 23 -1.15 6.83 1.54
CA GLY A 23 -0.54 7.67 2.58
C GLY A 23 -0.73 7.10 3.99
N GLN A 24 0.02 7.62 4.97
CA GLN A 24 -0.15 7.23 6.36
C GLN A 24 -1.57 7.54 6.87
N GLY A 25 -2.03 6.79 7.88
CA GLY A 25 -3.41 6.84 8.36
C GLY A 25 -4.31 5.88 7.59
N ASN A 26 -3.72 5.16 6.62
CA ASN A 26 -4.36 4.25 5.70
C ASN A 26 -3.50 3.00 5.60
N LYS A 27 -4.00 1.95 4.93
CA LYS A 27 -3.28 0.73 4.63
C LYS A 27 -3.68 0.24 3.24
N CYS A 28 -2.74 -0.35 2.51
CA CYS A 28 -2.98 -0.99 1.23
C CYS A 28 -3.14 -2.49 1.47
N ILE A 29 -4.24 -3.07 1.01
CA ILE A 29 -4.41 -4.52 1.01
C ILE A 29 -4.01 -4.96 -0.40
N LEU A 30 -2.99 -5.83 -0.51
CA LEU A 30 -2.67 -6.49 -1.77
C LEU A 30 -3.75 -7.48 -2.10
N GLY A 31 -4.00 -7.61 -3.40
CA GLY A 31 -4.98 -8.52 -3.93
C GLY A 31 -4.70 -9.96 -3.50
N SER A 32 -5.75 -10.66 -3.07
CA SER A 32 -5.62 -12.02 -2.54
C SER A 32 -6.09 -12.98 -3.64
N ASP A 33 -5.30 -13.05 -4.71
CA ASP A 33 -5.55 -13.88 -5.88
C ASP A 33 -7.02 -13.81 -6.37
N GLY A 34 -7.66 -12.63 -6.28
CA GLY A 34 -9.07 -12.45 -6.64
C GLY A 34 -9.47 -10.98 -6.54
N GLU A 35 -9.36 -10.39 -5.33
CA GLU A 35 -9.41 -8.94 -5.15
C GLU A 35 -8.16 -8.31 -5.71
N LYS A 36 -8.31 -7.03 -6.10
CA LYS A 36 -7.25 -6.14 -6.58
C LYS A 36 -6.71 -5.32 -5.40
N ASN A 37 -5.66 -4.54 -5.64
CA ASN A 37 -5.12 -3.64 -4.63
C ASN A 37 -6.19 -2.67 -4.14
N GLN A 38 -6.22 -2.37 -2.84
CA GLN A 38 -7.13 -1.37 -2.27
C GLN A 38 -6.47 -0.61 -1.13
N CYS A 39 -6.54 0.72 -1.11
CA CYS A 39 -6.01 1.51 0.00
C CYS A 39 -7.15 1.84 0.96
N VAL A 40 -7.32 1.03 2.00
CA VAL A 40 -8.35 1.23 3.01
C VAL A 40 -7.82 2.14 4.12
N THR A 41 -8.69 2.66 4.99
CA THR A 41 -8.24 3.54 6.06
C THR A 41 -7.67 2.75 7.25
N GLY A 42 -7.36 3.48 8.32
CA GLY A 42 -6.79 2.94 9.54
C GLY A 42 -5.28 3.04 9.45
N GLU A 43 -4.63 3.52 10.52
CA GLU A 43 -3.19 3.63 10.56
C GLU A 43 -2.53 2.27 10.30
N GLY A 44 -1.45 2.26 9.50
CA GLY A 44 -0.70 1.07 9.15
C GLY A 44 0.78 1.41 8.99
N THR A 45 1.59 0.37 8.81
CA THR A 45 3.04 0.46 8.82
C THR A 45 3.56 0.88 7.44
N PRO A 46 4.58 1.77 7.36
CA PRO A 46 5.15 2.17 6.08
C PRO A 46 6.03 1.08 5.48
N LYS A 47 6.07 1.00 4.16
CA LYS A 47 6.91 0.06 3.44
C LYS A 47 8.40 0.31 3.76
N PRO A 48 9.13 -0.72 4.23
CA PRO A 48 10.58 -0.62 4.38
C PRO A 48 11.23 -0.50 2.99
N GLN A 49 12.45 0.06 2.93
CA GLN A 49 13.21 0.15 1.70
C GLN A 49 13.31 -1.20 0.98
N SER A 50 13.52 -1.15 -0.33
CA SER A 50 13.65 -2.32 -1.18
C SER A 50 14.80 -2.06 -2.15
N HIS A 51 15.39 -3.12 -2.70
CA HIS A 51 16.52 -3.11 -3.60
C HIS A 51 16.61 -4.53 -4.17
N VAL A 1 11.46 11.44 -4.08
CA VAL A 1 11.68 10.00 -3.80
C VAL A 1 10.77 9.23 -4.76
N VAL A 2 11.24 8.13 -5.33
CA VAL A 2 10.45 7.28 -6.20
C VAL A 2 9.67 6.29 -5.35
N TYR A 3 8.36 6.19 -5.58
CA TYR A 3 7.49 5.24 -4.93
C TYR A 3 7.34 4.00 -5.81
N THR A 4 6.82 2.91 -5.22
CA THR A 4 6.61 1.64 -5.88
C THR A 4 5.36 1.02 -5.24
N ASP A 5 4.84 -0.06 -5.84
CA ASP A 5 3.67 -0.74 -5.32
C ASP A 5 3.92 -1.30 -3.92
N CYS A 6 2.84 -1.68 -3.23
CA CYS A 6 2.96 -2.55 -2.05
C CYS A 6 3.05 -4.03 -2.43
N THR A 7 3.73 -4.79 -1.58
CA THR A 7 4.00 -6.21 -1.73
C THR A 7 3.36 -7.05 -0.60
N GLU A 8 3.21 -6.49 0.61
CA GLU A 8 2.50 -7.12 1.72
C GLU A 8 1.21 -6.35 2.02
N SER A 9 0.21 -7.01 2.62
CA SER A 9 -1.02 -6.38 3.06
C SER A 9 -0.81 -5.65 4.38
N GLY A 10 -1.52 -4.54 4.57
CA GLY A 10 -1.56 -3.86 5.86
C GLY A 10 -0.47 -2.80 5.95
N GLN A 11 -0.05 -2.27 4.79
CA GLN A 11 1.11 -1.39 4.69
C GLN A 11 0.73 -0.11 3.97
N ASN A 12 1.33 1.01 4.38
CA ASN A 12 1.07 2.35 3.86
C ASN A 12 2.32 2.87 3.16
N LEU A 13 2.24 4.11 2.67
CA LEU A 13 3.33 4.78 1.97
C LEU A 13 3.86 3.91 0.81
N CYS A 14 2.97 3.55 -0.11
CA CYS A 14 3.28 2.77 -1.30
C CYS A 14 2.13 2.92 -2.28
N LEU A 15 2.39 2.69 -3.56
CA LEU A 15 1.40 2.82 -4.61
C LEU A 15 0.44 1.63 -4.50
N CYS A 16 -0.88 1.91 -4.49
CA CYS A 16 -1.88 0.91 -4.13
C CYS A 16 -2.93 0.85 -5.22
N GLU A 17 -3.61 1.97 -5.39
CA GLU A 17 -4.42 2.28 -6.56
C GLU A 17 -3.64 3.22 -7.49
N GLY A 18 -3.18 2.70 -8.64
CA GLY A 18 -2.54 3.50 -9.67
C GLY A 18 -1.22 4.09 -9.16
N SER A 19 -0.90 5.32 -9.58
CA SER A 19 0.28 6.03 -9.11
C SER A 19 0.00 6.73 -7.78
N ASN A 20 -1.19 6.53 -7.18
CA ASN A 20 -1.57 7.22 -5.97
C ASN A 20 -1.00 6.44 -4.79
N VAL A 21 -0.15 7.09 -4.01
CA VAL A 21 0.40 6.48 -2.81
C VAL A 21 -0.71 6.36 -1.75
N CYS A 22 -0.73 5.23 -1.04
CA CYS A 22 -1.55 5.03 0.15
C CYS A 22 -1.00 5.83 1.32
N GLY A 23 -1.42 7.10 1.35
CA GLY A 23 -1.08 8.09 2.36
C GLY A 23 -1.29 7.59 3.79
N GLN A 24 -0.59 8.21 4.74
CA GLN A 24 -0.59 7.80 6.13
C GLN A 24 -2.02 7.83 6.71
N GLY A 25 -2.30 6.97 7.70
CA GLY A 25 -3.64 6.81 8.24
C GLY A 25 -4.49 5.81 7.45
N ASN A 26 -4.01 5.38 6.27
CA ASN A 26 -4.61 4.38 5.41
C ASN A 26 -3.58 3.26 5.20
N LYS A 27 -3.99 2.06 4.77
CA LYS A 27 -3.12 0.94 4.48
C LYS A 27 -3.63 0.20 3.23
N CYS A 28 -2.72 -0.41 2.45
CA CYS A 28 -3.01 -1.09 1.19
C CYS A 28 -3.13 -2.57 1.50
N ILE A 29 -4.26 -3.19 1.16
CA ILE A 29 -4.42 -4.62 1.32
C ILE A 29 -4.11 -5.25 -0.04
N LEU A 30 -3.09 -6.11 -0.09
CA LEU A 30 -2.63 -6.85 -1.26
C LEU A 30 -3.63 -7.94 -1.63
N GLY A 31 -4.82 -7.50 -2.02
CA GLY A 31 -5.91 -8.40 -2.32
C GLY A 31 -6.46 -9.05 -1.06
N SER A 32 -7.59 -9.73 -1.21
CA SER A 32 -8.26 -10.45 -0.13
C SER A 32 -8.48 -11.88 -0.63
N ASP A 33 -7.37 -12.56 -0.94
CA ASP A 33 -7.35 -13.91 -1.46
C ASP A 33 -8.14 -14.01 -2.78
N GLY A 34 -8.29 -12.90 -3.52
CA GLY A 34 -9.17 -12.83 -4.69
C GLY A 34 -9.29 -11.40 -5.21
N GLU A 35 -9.65 -10.45 -4.33
CA GLU A 35 -9.62 -9.03 -4.61
C GLU A 35 -8.19 -8.56 -4.87
N LYS A 36 -8.08 -7.38 -5.46
CA LYS A 36 -6.85 -6.71 -5.85
C LYS A 36 -6.41 -5.75 -4.73
N ASN A 37 -5.27 -5.09 -4.91
CA ASN A 37 -4.83 -3.93 -4.12
C ASN A 37 -5.93 -2.90 -3.82
N GLN A 38 -6.06 -2.52 -2.54
CA GLN A 38 -7.06 -1.55 -2.07
C GLN A 38 -6.54 -0.76 -0.87
N CYS A 39 -6.47 0.57 -0.96
CA CYS A 39 -5.98 1.42 0.11
C CYS A 39 -7.15 1.88 0.98
N VAL A 40 -7.32 1.27 2.15
CA VAL A 40 -8.44 1.53 3.04
C VAL A 40 -7.95 2.24 4.30
N THR A 41 -8.86 2.90 5.01
CA THR A 41 -8.51 3.64 6.20
C THR A 41 -8.06 2.69 7.32
N GLY A 42 -7.15 3.17 8.18
CA GLY A 42 -6.51 2.40 9.23
C GLY A 42 -5.00 2.61 9.12
N GLU A 43 -4.39 3.25 10.13
CA GLU A 43 -2.96 3.48 10.17
C GLU A 43 -2.22 2.13 10.05
N GLY A 44 -1.36 2.01 9.03
CA GLY A 44 -0.57 0.81 8.75
C GLY A 44 0.92 1.13 8.89
N THR A 45 1.79 0.18 8.52
CA THR A 45 3.24 0.33 8.65
C THR A 45 3.83 0.79 7.30
N PRO A 46 4.91 1.59 7.26
CA PRO A 46 5.50 2.04 6.00
C PRO A 46 6.31 0.93 5.31
N LYS A 47 6.23 0.87 3.97
CA LYS A 47 7.04 -0.06 3.19
C LYS A 47 8.52 0.05 3.57
N PRO A 48 9.24 -1.09 3.71
CA PRO A 48 10.68 -1.04 3.89
C PRO A 48 11.30 -0.49 2.60
N GLN A 49 12.22 0.47 2.76
CA GLN A 49 13.02 1.02 1.67
C GLN A 49 14.03 -0.02 1.19
N SER A 50 14.55 0.18 -0.03
CA SER A 50 15.57 -0.66 -0.63
C SER A 50 16.57 0.26 -1.34
N HIS A 51 17.53 0.80 -0.59
CA HIS A 51 18.65 1.57 -1.08
C HIS A 51 19.88 0.67 -0.96
N VAL A 1 8.42 13.72 -7.74
CA VAL A 1 8.76 12.60 -6.85
C VAL A 1 8.42 11.32 -7.62
N VAL A 2 8.99 10.17 -7.24
CA VAL A 2 8.70 8.89 -7.86
C VAL A 2 8.50 7.90 -6.71
N TYR A 3 7.37 7.19 -6.71
CA TYR A 3 7.01 6.19 -5.70
C TYR A 3 6.98 4.81 -6.37
N THR A 4 6.85 3.77 -5.55
CA THR A 4 6.82 2.38 -5.95
C THR A 4 5.73 1.66 -5.14
N ASP A 5 5.36 0.45 -5.54
CA ASP A 5 4.21 -0.24 -4.97
C ASP A 5 4.56 -0.95 -3.67
N CYS A 6 3.55 -1.31 -2.87
CA CYS A 6 3.75 -2.21 -1.73
C CYS A 6 3.73 -3.67 -2.16
N THR A 7 4.23 -4.55 -1.29
CA THR A 7 4.32 -5.99 -1.51
C THR A 7 3.60 -6.80 -0.43
N GLU A 8 3.03 -6.14 0.60
CA GLU A 8 2.45 -6.81 1.76
C GLU A 8 1.14 -6.10 2.17
N SER A 9 0.08 -6.85 2.48
CA SER A 9 -1.14 -6.24 3.00
C SER A 9 -0.85 -5.51 4.32
N GLY A 10 -1.49 -4.36 4.51
CA GLY A 10 -1.41 -3.60 5.75
C GLY A 10 -0.30 -2.54 5.70
N GLN A 11 0.55 -2.58 4.68
CA GLN A 11 1.58 -1.58 4.52
C GLN A 11 1.00 -0.24 4.08
N ASN A 12 1.79 0.82 4.12
CA ASN A 12 1.45 2.13 3.58
C ASN A 12 2.70 2.85 3.10
N LEU A 13 2.49 4.01 2.48
CA LEU A 13 3.55 4.90 2.01
C LEU A 13 4.18 4.29 0.74
N CYS A 14 3.31 3.98 -0.23
CA CYS A 14 3.61 3.20 -1.42
C CYS A 14 2.36 3.23 -2.30
N LEU A 15 2.50 2.89 -3.58
CA LEU A 15 1.41 2.85 -4.53
C LEU A 15 0.61 1.56 -4.36
N CYS A 16 -0.70 1.65 -4.57
CA CYS A 16 -1.64 0.60 -4.20
C CYS A 16 -2.69 0.43 -5.29
N GLU A 17 -3.48 1.48 -5.52
CA GLU A 17 -4.32 1.60 -6.70
C GLU A 17 -3.64 2.59 -7.67
N GLY A 18 -3.12 2.07 -8.78
CA GLY A 18 -2.49 2.89 -9.81
C GLY A 18 -1.35 3.71 -9.21
N SER A 19 -1.40 5.04 -9.40
CA SER A 19 -0.39 5.96 -8.90
C SER A 19 -0.82 6.63 -7.59
N ASN A 20 -1.92 6.16 -6.99
CA ASN A 20 -2.37 6.72 -5.72
C ASN A 20 -1.56 6.08 -4.61
N VAL A 21 -0.84 6.91 -3.87
CA VAL A 21 -0.03 6.47 -2.75
C VAL A 21 -0.93 6.24 -1.54
N CYS A 22 -0.96 5.02 -1.02
CA CYS A 22 -1.73 4.72 0.16
C CYS A 22 -0.95 5.20 1.38
N GLY A 23 -0.97 6.51 1.63
CA GLY A 23 -0.12 7.15 2.61
C GLY A 23 -0.54 6.86 4.06
N GLN A 24 0.25 7.38 5.02
CA GLN A 24 -0.05 7.28 6.43
C GLN A 24 -1.49 7.71 6.71
N GLY A 25 -2.12 7.08 7.70
CA GLY A 25 -3.56 7.17 7.89
C GLY A 25 -4.30 6.07 7.12
N ASN A 26 -3.68 5.46 6.10
CA ASN A 26 -4.29 4.44 5.26
C ASN A 26 -3.40 3.18 5.25
N LYS A 27 -3.91 2.08 4.67
CA LYS A 27 -3.22 0.80 4.48
C LYS A 27 -3.59 0.18 3.14
N CYS A 28 -2.62 -0.37 2.42
CA CYS A 28 -2.85 -1.09 1.17
C CYS A 28 -3.11 -2.56 1.49
N ILE A 29 -4.29 -3.07 1.13
CA ILE A 29 -4.59 -4.49 1.17
C ILE A 29 -4.32 -5.03 -0.24
N LEU A 30 -3.56 -6.13 -0.33
CA LEU A 30 -3.21 -6.77 -1.59
C LEU A 30 -4.39 -7.54 -2.19
N GLY A 31 -5.43 -6.80 -2.55
CA GLY A 31 -6.60 -7.39 -3.15
C GLY A 31 -7.45 -8.13 -2.14
N SER A 32 -8.61 -8.59 -2.58
CA SER A 32 -9.53 -9.35 -1.76
C SER A 32 -10.11 -10.46 -2.63
N ASP A 33 -9.47 -11.63 -2.56
CA ASP A 33 -9.83 -12.85 -3.26
C ASP A 33 -10.33 -12.57 -4.67
N GLY A 34 -9.40 -12.10 -5.50
CA GLY A 34 -9.62 -11.77 -6.89
C GLY A 34 -9.89 -10.29 -7.12
N GLU A 35 -10.51 -9.57 -6.17
CA GLU A 35 -10.55 -8.12 -6.28
C GLU A 35 -9.15 -7.54 -6.21
N LYS A 36 -8.90 -6.50 -7.00
CA LYS A 36 -7.62 -5.79 -7.07
C LYS A 36 -7.32 -5.07 -5.76
N ASN A 37 -6.11 -4.49 -5.68
CA ASN A 37 -5.60 -3.66 -4.59
C ASN A 37 -6.61 -2.64 -4.05
N GLN A 38 -6.64 -2.52 -2.71
CA GLN A 38 -7.60 -1.70 -1.98
C GLN A 38 -6.88 -0.92 -0.88
N CYS A 39 -6.79 0.41 -1.02
CA CYS A 39 -6.25 1.30 0.00
C CYS A 39 -7.35 1.62 1.01
N VAL A 40 -7.37 0.96 2.17
CA VAL A 40 -8.36 1.19 3.21
C VAL A 40 -7.81 2.17 4.25
N THR A 41 -8.69 2.69 5.11
CA THR A 41 -8.36 3.76 6.05
C THR A 41 -8.05 3.18 7.44
N GLY A 42 -7.35 3.94 8.28
CA GLY A 42 -7.16 3.64 9.70
C GLY A 42 -5.74 3.13 10.02
N GLU A 43 -4.74 3.80 9.45
CA GLU A 43 -3.29 3.68 9.68
C GLU A 43 -2.67 2.30 9.43
N GLY A 44 -1.43 2.28 8.93
CA GLY A 44 -0.76 1.11 8.40
C GLY A 44 0.75 1.17 8.60
N THR A 45 1.45 0.13 8.15
CA THR A 45 2.86 -0.10 8.43
C THR A 45 3.74 0.46 7.31
N PRO A 46 4.79 1.25 7.58
CA PRO A 46 5.67 1.71 6.52
C PRO A 46 6.41 0.53 5.90
N LYS A 47 6.49 0.50 4.57
CA LYS A 47 7.22 -0.52 3.85
C LYS A 47 8.74 -0.41 4.15
N PRO A 48 9.42 -1.53 4.48
CA PRO A 48 10.86 -1.56 4.62
C PRO A 48 11.55 -1.53 3.24
N GLN A 49 12.88 -1.37 3.30
CA GLN A 49 13.79 -1.22 2.16
C GLN A 49 13.53 -2.21 1.03
N SER A 50 13.88 -1.80 -0.20
CA SER A 50 14.02 -2.64 -1.36
C SER A 50 14.91 -1.88 -2.34
N HIS A 51 15.33 -2.54 -3.41
CA HIS A 51 15.62 -1.85 -4.67
C HIS A 51 14.28 -1.61 -5.36
N VAL A 1 5.33 12.04 -7.08
CA VAL A 1 4.90 10.65 -6.88
C VAL A 1 6.01 9.67 -7.30
N VAL A 2 7.07 9.60 -6.49
CA VAL A 2 8.20 8.73 -6.76
C VAL A 2 8.18 7.64 -5.68
N TYR A 3 7.36 6.60 -5.89
CA TYR A 3 7.21 5.49 -4.96
C TYR A 3 7.02 4.20 -5.75
N THR A 4 6.90 3.05 -5.06
CA THR A 4 6.75 1.74 -5.68
C THR A 4 5.48 1.07 -5.16
N ASP A 5 5.05 -0.03 -5.80
CA ASP A 5 3.88 -0.81 -5.39
C ASP A 5 4.08 -1.39 -3.98
N CYS A 6 3.01 -1.92 -3.37
CA CYS A 6 3.13 -2.45 -2.02
C CYS A 6 3.65 -3.88 -2.12
N THR A 7 4.37 -4.31 -1.09
CA THR A 7 5.04 -5.61 -1.05
C THR A 7 4.34 -6.56 -0.07
N GLU A 8 3.57 -6.02 0.89
CA GLU A 8 2.82 -6.76 1.88
C GLU A 8 1.50 -6.03 2.17
N SER A 9 0.44 -6.78 2.48
CA SER A 9 -0.85 -6.23 2.87
C SER A 9 -0.77 -5.56 4.24
N GLY A 10 -1.72 -4.67 4.50
CA GLY A 10 -1.80 -3.96 5.77
C GLY A 10 -0.74 -2.86 5.85
N GLN A 11 -0.15 -2.52 4.71
CA GLN A 11 1.00 -1.65 4.64
C GLN A 11 0.68 -0.41 3.83
N ASN A 12 1.44 0.66 4.04
CA ASN A 12 1.19 1.94 3.41
C ASN A 12 2.50 2.53 2.89
N LEU A 13 2.40 3.75 2.36
CA LEU A 13 3.51 4.49 1.81
C LEU A 13 4.02 3.79 0.55
N CYS A 14 3.08 3.29 -0.24
CA CYS A 14 3.33 2.54 -1.45
C CYS A 14 2.11 2.71 -2.37
N LEU A 15 2.34 2.57 -3.69
CA LEU A 15 1.36 2.79 -4.73
C LEU A 15 0.43 1.58 -4.78
N CYS A 16 -0.81 1.76 -4.34
CA CYS A 16 -1.76 0.68 -4.13
C CYS A 16 -2.82 0.71 -5.22
N GLU A 17 -3.59 1.81 -5.25
CA GLU A 17 -4.50 2.13 -6.34
C GLU A 17 -3.76 3.00 -7.37
N GLY A 18 -3.28 2.38 -8.44
CA GLY A 18 -2.67 3.10 -9.55
C GLY A 18 -1.45 3.89 -9.07
N SER A 19 -1.38 5.18 -9.43
CA SER A 19 -0.32 6.06 -8.97
C SER A 19 -0.70 6.72 -7.62
N ASN A 20 -1.84 6.36 -7.02
CA ASN A 20 -2.29 6.99 -5.80
C ASN A 20 -1.51 6.38 -4.63
N VAL A 21 -0.76 7.21 -3.90
CA VAL A 21 0.10 6.75 -2.82
C VAL A 21 -0.75 6.59 -1.56
N CYS A 22 -0.74 5.41 -0.95
CA CYS A 22 -1.52 5.19 0.26
C CYS A 22 -0.79 5.86 1.45
N GLY A 23 -1.03 7.15 1.69
CA GLY A 23 -0.37 7.89 2.78
C GLY A 23 -0.74 7.37 4.18
N GLN A 24 -0.08 7.87 5.22
CA GLN A 24 -0.42 7.54 6.61
C GLN A 24 -1.90 7.78 6.91
N GLY A 25 -2.42 7.02 7.87
CA GLY A 25 -3.84 7.02 8.23
C GLY A 25 -4.65 6.05 7.35
N ASN A 26 -3.99 5.47 6.34
CA ASN A 26 -4.51 4.54 5.37
C ASN A 26 -3.54 3.36 5.27
N LYS A 27 -4.03 2.21 4.79
CA LYS A 27 -3.24 1.02 4.50
C LYS A 27 -3.77 0.36 3.22
N CYS A 28 -2.88 -0.34 2.53
CA CYS A 28 -3.14 -1.07 1.30
C CYS A 28 -3.32 -2.54 1.63
N ILE A 29 -4.38 -3.15 1.13
CA ILE A 29 -4.57 -4.58 1.22
C ILE A 29 -4.22 -5.17 -0.14
N LEU A 30 -3.07 -5.85 -0.26
CA LEU A 30 -2.60 -6.49 -1.48
C LEU A 30 -3.47 -7.70 -1.82
N GLY A 31 -4.66 -7.41 -2.30
CA GLY A 31 -5.63 -8.43 -2.64
C GLY A 31 -6.30 -8.95 -1.38
N SER A 32 -7.58 -9.32 -1.47
CA SER A 32 -8.34 -9.85 -0.35
C SER A 32 -8.95 -11.19 -0.75
N ASP A 33 -8.09 -12.13 -1.15
CA ASP A 33 -8.44 -13.48 -1.58
C ASP A 33 -9.56 -13.47 -2.65
N GLY A 34 -9.65 -12.38 -3.42
CA GLY A 34 -10.82 -12.07 -4.24
C GLY A 34 -10.69 -10.65 -4.78
N GLU A 35 -10.87 -9.64 -3.91
CA GLU A 35 -10.59 -8.26 -4.29
C GLU A 35 -9.11 -8.10 -4.60
N LYS A 36 -8.83 -7.06 -5.37
CA LYS A 36 -7.52 -6.58 -5.78
C LYS A 36 -6.96 -5.63 -4.72
N ASN A 37 -5.73 -5.16 -4.95
CA ASN A 37 -5.08 -4.04 -4.26
C ASN A 37 -5.99 -2.84 -4.01
N GLN A 38 -6.35 -2.60 -2.72
CA GLN A 38 -7.22 -1.51 -2.28
C GLN A 38 -6.56 -0.71 -1.16
N CYS A 39 -6.56 0.63 -1.23
CA CYS A 39 -6.03 1.46 -0.17
C CYS A 39 -7.19 2.00 0.67
N VAL A 40 -7.38 1.45 1.87
CA VAL A 40 -8.47 1.84 2.76
C VAL A 40 -7.90 2.59 3.97
N THR A 41 -8.75 3.16 4.82
CA THR A 41 -8.30 3.87 6.01
C THR A 41 -7.65 2.92 7.03
N GLY A 42 -7.17 3.50 8.13
CA GLY A 42 -6.50 2.81 9.21
C GLY A 42 -5.00 2.95 8.99
N GLU A 43 -4.29 3.48 9.99
CA GLU A 43 -2.84 3.55 9.93
C GLU A 43 -2.27 2.15 9.65
N GLY A 44 -1.33 2.08 8.71
CA GLY A 44 -0.63 0.86 8.34
C GLY A 44 0.86 1.07 8.53
N THR A 45 1.63 -0.02 8.52
CA THR A 45 3.08 0.07 8.67
C THR A 45 3.67 0.56 7.33
N PRO A 46 4.81 1.29 7.33
CA PRO A 46 5.43 1.75 6.09
C PRO A 46 6.20 0.64 5.40
N LYS A 47 6.42 0.78 4.08
CA LYS A 47 7.22 -0.16 3.31
C LYS A 47 8.67 -0.20 3.82
N PRO A 48 9.26 -1.40 4.03
CA PRO A 48 10.67 -1.51 4.31
C PRO A 48 11.46 -0.99 3.10
N GLN A 49 12.45 -0.12 3.36
CA GLN A 49 13.37 0.36 2.35
C GLN A 49 13.97 -0.80 1.55
N SER A 50 14.21 -0.59 0.26
CA SER A 50 14.67 -1.62 -0.66
C SER A 50 13.58 -2.67 -0.85
N HIS A 51 13.37 -3.54 0.13
CA HIS A 51 12.40 -4.62 0.03
C HIS A 51 12.02 -5.08 1.43
N VAL A 1 8.50 12.82 -5.48
CA VAL A 1 8.55 11.77 -4.45
C VAL A 1 8.66 10.44 -5.18
N VAL A 2 9.70 9.64 -4.90
CA VAL A 2 9.88 8.35 -5.53
C VAL A 2 9.08 7.33 -4.72
N TYR A 3 8.06 6.75 -5.34
CA TYR A 3 7.21 5.73 -4.75
C TYR A 3 7.21 4.50 -5.65
N THR A 4 6.80 3.36 -5.08
CA THR A 4 6.75 2.07 -5.72
C THR A 4 5.58 1.29 -5.12
N ASP A 5 5.17 0.19 -5.76
CA ASP A 5 4.01 -0.57 -5.33
C ASP A 5 4.23 -1.21 -3.95
N CYS A 6 3.12 -1.57 -3.30
CA CYS A 6 3.13 -2.45 -2.13
C CYS A 6 3.19 -3.93 -2.53
N THR A 7 3.75 -4.74 -1.62
CA THR A 7 3.97 -6.17 -1.81
C THR A 7 3.50 -6.97 -0.57
N GLU A 8 2.58 -6.43 0.24
CA GLU A 8 1.99 -7.13 1.38
C GLU A 8 0.78 -6.33 1.88
N SER A 9 -0.13 -6.99 2.62
CA SER A 9 -1.31 -6.34 3.16
C SER A 9 -1.02 -5.68 4.49
N GLY A 10 -1.69 -4.56 4.76
CA GLY A 10 -1.63 -3.88 6.03
C GLY A 10 -0.52 -2.84 6.08
N GLN A 11 -0.17 -2.28 4.91
CA GLN A 11 1.05 -1.50 4.74
C GLN A 11 0.74 -0.15 4.10
N ASN A 12 1.59 0.86 4.25
CA ASN A 12 1.25 2.21 3.78
C ASN A 12 2.43 2.89 3.11
N LEU A 13 2.24 4.13 2.64
CA LEU A 13 3.35 4.91 2.09
C LEU A 13 3.95 4.24 0.84
N CYS A 14 3.07 3.63 0.04
CA CYS A 14 3.41 2.86 -1.15
C CYS A 14 2.26 3.00 -2.14
N LEU A 15 2.52 2.72 -3.40
CA LEU A 15 1.49 2.78 -4.45
C LEU A 15 0.57 1.58 -4.28
N CYS A 16 -0.74 1.83 -4.28
CA CYS A 16 -1.74 0.79 -4.01
C CYS A 16 -2.74 0.83 -5.15
N GLU A 17 -3.45 1.96 -5.28
CA GLU A 17 -4.32 2.22 -6.40
C GLU A 17 -3.54 2.98 -7.48
N GLY A 18 -3.04 2.25 -8.49
CA GLY A 18 -2.33 2.86 -9.60
C GLY A 18 -1.11 3.62 -9.10
N SER A 19 -0.89 4.84 -9.59
CA SER A 19 0.23 5.65 -9.15
C SER A 19 -0.10 6.46 -7.90
N ASN A 20 -1.22 6.21 -7.24
CA ASN A 20 -1.64 6.95 -6.06
C ASN A 20 -1.09 6.24 -4.83
N VAL A 21 -0.33 6.97 -3.99
CA VAL A 21 0.23 6.44 -2.77
C VAL A 21 -0.88 6.26 -1.72
N CYS A 22 -0.85 5.16 -0.97
CA CYS A 22 -1.74 4.97 0.16
C CYS A 22 -1.25 5.84 1.32
N GLY A 23 -1.78 7.06 1.37
CA GLY A 23 -1.44 8.11 2.33
C GLY A 23 -1.46 7.65 3.78
N GLN A 24 -0.76 8.38 4.65
CA GLN A 24 -0.77 8.11 6.08
C GLN A 24 -2.20 8.16 6.65
N GLY A 25 -2.48 7.29 7.63
CA GLY A 25 -3.82 7.09 8.18
C GLY A 25 -4.55 5.94 7.45
N ASN A 26 -3.95 5.40 6.40
CA ASN A 26 -4.49 4.37 5.54
C ASN A 26 -3.52 3.19 5.48
N LYS A 27 -3.98 2.05 4.96
CA LYS A 27 -3.16 0.90 4.67
C LYS A 27 -3.71 0.22 3.42
N CYS A 28 -2.86 -0.49 2.69
CA CYS A 28 -3.16 -1.18 1.45
C CYS A 28 -3.39 -2.63 1.80
N ILE A 29 -4.51 -3.23 1.37
CA ILE A 29 -4.67 -4.67 1.42
C ILE A 29 -4.41 -5.18 0.00
N LEU A 30 -3.45 -6.11 -0.13
CA LEU A 30 -3.25 -6.89 -1.35
C LEU A 30 -4.43 -7.89 -1.42
N GLY A 31 -5.11 -7.97 -2.57
CA GLY A 31 -6.26 -8.86 -2.78
C GLY A 31 -5.98 -10.30 -2.32
N SER A 32 -6.96 -11.05 -1.82
CA SER A 32 -6.65 -12.35 -1.21
C SER A 32 -7.42 -13.53 -1.82
N ASP A 33 -7.56 -13.57 -3.16
CA ASP A 33 -8.83 -14.00 -3.77
C ASP A 33 -9.07 -13.40 -5.17
N GLY A 34 -8.02 -13.09 -5.93
CA GLY A 34 -8.17 -12.64 -7.31
C GLY A 34 -8.72 -11.22 -7.46
N GLU A 35 -8.73 -10.45 -6.37
CA GLU A 35 -9.09 -9.04 -6.34
C GLU A 35 -7.87 -8.18 -6.67
N LYS A 36 -8.10 -6.89 -6.88
CA LYS A 36 -7.07 -5.89 -7.10
C LYS A 36 -6.66 -5.25 -5.77
N ASN A 37 -5.66 -4.37 -5.81
CA ASN A 37 -5.24 -3.57 -4.66
C ASN A 37 -6.40 -2.76 -4.07
N GLN A 38 -6.35 -2.50 -2.76
CA GLN A 38 -7.35 -1.69 -2.05
C GLN A 38 -6.72 -0.92 -0.88
N CYS A 39 -6.60 0.41 -1.01
CA CYS A 39 -6.13 1.30 0.05
C CYS A 39 -7.32 1.77 0.88
N VAL A 40 -7.38 1.39 2.16
CA VAL A 40 -8.49 1.73 3.05
C VAL A 40 -7.92 2.38 4.31
N THR A 41 -8.73 3.09 5.09
CA THR A 41 -8.27 3.71 6.32
C THR A 41 -7.78 2.63 7.30
N GLY A 42 -6.77 2.93 8.13
CA GLY A 42 -6.29 1.95 9.11
C GLY A 42 -4.91 2.30 9.68
N GLU A 43 -4.06 2.95 8.89
CA GLU A 43 -2.72 3.38 9.28
C GLU A 43 -1.76 2.18 9.38
N GLY A 44 -1.20 1.76 8.24
CA GLY A 44 -0.22 0.69 8.21
C GLY A 44 1.19 1.18 8.53
N THR A 45 2.16 0.27 8.48
CA THR A 45 3.59 0.58 8.58
C THR A 45 4.13 0.90 7.16
N PRO A 46 5.12 1.79 7.01
CA PRO A 46 5.70 2.09 5.69
C PRO A 46 6.64 0.98 5.23
N LYS A 47 6.65 0.69 3.92
CA LYS A 47 7.51 -0.33 3.33
C LYS A 47 8.97 -0.13 3.76
N PRO A 48 9.66 -1.18 4.25
CA PRO A 48 11.04 -1.07 4.65
C PRO A 48 11.95 -0.82 3.44
N GLN A 49 13.06 -0.10 3.65
CA GLN A 49 14.03 0.14 2.60
C GLN A 49 14.60 -1.17 2.08
N SER A 50 15.06 -1.16 0.83
CA SER A 50 15.58 -2.34 0.15
C SER A 50 16.17 -1.92 -1.19
N HIS A 51 15.28 -1.44 -2.05
CA HIS A 51 15.62 -0.81 -3.32
C HIS A 51 16.08 0.62 -3.07
N VAL A 1 11.13 12.53 -4.78
CA VAL A 1 11.04 11.19 -4.18
C VAL A 1 10.32 10.29 -5.17
N VAL A 2 10.69 9.01 -5.23
CA VAL A 2 10.04 8.02 -6.09
C VAL A 2 9.18 7.14 -5.18
N TYR A 3 8.08 6.61 -5.72
CA TYR A 3 7.21 5.66 -5.04
C TYR A 3 7.07 4.43 -5.92
N THR A 4 6.71 3.31 -5.31
CA THR A 4 6.48 2.02 -5.93
C THR A 4 5.37 1.35 -5.12
N ASP A 5 4.87 0.20 -5.57
CA ASP A 5 3.77 -0.49 -4.91
C ASP A 5 4.17 -0.97 -3.52
N CYS A 6 3.17 -1.40 -2.72
CA CYS A 6 3.44 -2.28 -1.60
C CYS A 6 3.53 -3.74 -2.05
N THR A 7 4.24 -4.52 -1.24
CA THR A 7 4.55 -5.92 -1.48
C THR A 7 3.79 -6.83 -0.52
N GLU A 8 3.16 -6.27 0.53
CA GLU A 8 2.65 -7.03 1.67
C GLU A 8 1.41 -6.28 2.17
N SER A 9 0.33 -7.00 2.49
CA SER A 9 -0.89 -6.35 2.94
C SER A 9 -0.65 -5.65 4.27
N GLY A 10 -1.37 -4.56 4.53
CA GLY A 10 -1.27 -3.87 5.80
C GLY A 10 -0.30 -2.68 5.75
N GLN A 11 0.34 -2.46 4.59
CA GLN A 11 1.41 -1.50 4.46
C GLN A 11 0.93 -0.17 3.86
N ASN A 12 1.54 0.95 4.26
CA ASN A 12 1.24 2.28 3.75
C ASN A 12 2.44 2.85 3.00
N LEU A 13 2.33 4.11 2.54
CA LEU A 13 3.48 4.84 1.97
C LEU A 13 4.02 4.09 0.76
N CYS A 14 3.12 3.80 -0.18
CA CYS A 14 3.38 3.00 -1.36
C CYS A 14 2.16 3.14 -2.26
N LEU A 15 2.35 2.86 -3.55
CA LEU A 15 1.30 2.93 -4.55
C LEU A 15 0.35 1.75 -4.36
N CYS A 16 -0.95 1.97 -4.58
CA CYS A 16 -1.93 0.94 -4.25
C CYS A 16 -2.97 0.89 -5.36
N GLU A 17 -3.69 1.99 -5.52
CA GLU A 17 -4.56 2.18 -6.68
C GLU A 17 -3.78 2.92 -7.76
N GLY A 18 -3.24 2.18 -8.73
CA GLY A 18 -2.46 2.76 -9.82
C GLY A 18 -1.29 3.56 -9.26
N SER A 19 -1.09 4.79 -9.76
CA SER A 19 -0.02 5.65 -9.28
C SER A 19 -0.44 6.49 -8.06
N ASN A 20 -1.55 6.17 -7.40
CA ASN A 20 -1.96 6.86 -6.19
C ASN A 20 -1.31 6.20 -4.98
N VAL A 21 -0.60 7.01 -4.19
CA VAL A 21 0.02 6.59 -2.93
C VAL A 21 -1.05 6.37 -1.88
N CYS A 22 -0.98 5.24 -1.17
CA CYS A 22 -1.80 4.99 0.00
C CYS A 22 -1.30 5.83 1.17
N GLY A 23 -1.90 7.02 1.28
CA GLY A 23 -1.55 8.07 2.21
C GLY A 23 -1.39 7.59 3.66
N GLN A 24 -0.56 8.32 4.41
CA GLN A 24 -0.37 8.11 5.84
C GLN A 24 -1.72 8.03 6.55
N GLY A 25 -1.85 7.10 7.51
CA GLY A 25 -3.11 6.84 8.19
C GLY A 25 -3.99 5.83 7.43
N ASN A 26 -3.57 5.38 6.25
CA ASN A 26 -4.25 4.36 5.45
C ASN A 26 -3.28 3.22 5.20
N LYS A 27 -3.74 2.05 4.70
CA LYS A 27 -2.91 0.90 4.42
C LYS A 27 -3.43 0.14 3.19
N CYS A 28 -2.57 -0.61 2.50
CA CYS A 28 -2.93 -1.24 1.23
C CYS A 28 -3.10 -2.72 1.51
N ILE A 29 -4.25 -3.25 1.10
CA ILE A 29 -4.52 -4.67 1.16
C ILE A 29 -4.22 -5.22 -0.25
N LEU A 30 -3.11 -5.95 -0.37
CA LEU A 30 -2.64 -6.55 -1.61
C LEU A 30 -3.58 -7.69 -2.00
N GLY A 31 -4.59 -7.39 -2.81
CA GLY A 31 -5.57 -8.39 -3.16
C GLY A 31 -6.36 -8.80 -1.91
N SER A 32 -7.37 -9.64 -2.13
CA SER A 32 -8.23 -10.19 -1.09
C SER A 32 -9.15 -11.15 -1.84
N ASP A 33 -8.78 -12.43 -1.88
CA ASP A 33 -9.57 -13.49 -2.50
C ASP A 33 -9.90 -13.17 -3.97
N GLY A 34 -8.90 -12.66 -4.71
CA GLY A 34 -8.98 -12.35 -6.12
C GLY A 34 -9.30 -10.89 -6.42
N GLU A 35 -9.34 -10.04 -5.39
CA GLU A 35 -9.48 -8.61 -5.58
C GLU A 35 -8.17 -7.99 -6.08
N LYS A 36 -8.28 -6.70 -6.40
CA LYS A 36 -7.23 -5.77 -6.75
C LYS A 36 -6.60 -5.21 -5.46
N ASN A 37 -5.57 -4.39 -5.61
CA ASN A 37 -5.12 -3.49 -4.55
C ASN A 37 -6.20 -2.45 -4.18
N GLN A 38 -6.53 -2.41 -2.88
CA GLN A 38 -7.45 -1.54 -2.15
C GLN A 38 -6.67 -0.75 -1.07
N CYS A 39 -6.76 0.59 -1.01
CA CYS A 39 -6.16 1.38 0.08
C CYS A 39 -7.23 1.78 1.10
N VAL A 40 -7.19 1.23 2.32
CA VAL A 40 -8.22 1.43 3.34
C VAL A 40 -7.67 2.19 4.55
N THR A 41 -8.53 2.86 5.30
CA THR A 41 -8.11 3.81 6.32
C THR A 41 -7.78 3.10 7.65
N GLY A 42 -7.17 3.80 8.59
CA GLY A 42 -7.13 3.42 10.00
C GLY A 42 -5.76 2.84 10.38
N GLU A 43 -4.70 3.53 9.95
CA GLU A 43 -3.30 3.29 10.26
C GLU A 43 -2.78 2.05 9.54
N GLY A 44 -1.47 2.00 9.31
CA GLY A 44 -0.81 1.01 8.46
C GLY A 44 0.68 1.04 8.72
N THR A 45 1.39 -0.04 8.38
CA THR A 45 2.82 -0.18 8.69
C THR A 45 3.64 0.33 7.49
N PRO A 46 4.82 0.93 7.67
CA PRO A 46 5.64 1.33 6.53
C PRO A 46 6.22 0.12 5.81
N LYS A 47 6.52 0.26 4.51
CA LYS A 47 7.15 -0.77 3.70
C LYS A 47 8.66 -0.51 3.61
N PRO A 48 9.51 -1.30 4.29
CA PRO A 48 10.94 -1.07 4.33
C PRO A 48 11.59 -1.61 3.04
N GLN A 49 12.56 -0.87 2.49
CA GLN A 49 13.35 -1.29 1.33
C GLN A 49 14.54 -2.14 1.80
N SER A 50 15.11 -2.92 0.88
CA SER A 50 16.14 -3.93 1.12
C SER A 50 15.64 -5.06 2.02
N HIS A 51 16.36 -6.18 1.99
CA HIS A 51 16.19 -7.35 2.81
C HIS A 51 17.39 -8.26 2.49
N VAL A 1 8.48 12.37 -4.54
CA VAL A 1 9.27 11.32 -5.22
C VAL A 1 8.29 10.24 -5.66
N VAL A 2 8.68 9.33 -6.54
CA VAL A 2 7.85 8.23 -7.00
C VAL A 2 8.01 7.10 -5.98
N TYR A 3 6.91 6.64 -5.41
CA TYR A 3 6.88 5.55 -4.43
C TYR A 3 6.82 4.21 -5.20
N THR A 4 6.99 3.08 -4.51
CA THR A 4 6.92 1.74 -5.09
C THR A 4 5.57 1.11 -4.75
N ASP A 5 5.18 0.02 -5.41
CA ASP A 5 3.89 -0.64 -5.18
C ASP A 5 3.89 -1.37 -3.85
N CYS A 6 2.69 -1.62 -3.25
CA CYS A 6 2.68 -2.36 -1.97
C CYS A 6 2.72 -3.85 -2.26
N THR A 7 3.30 -4.62 -1.34
CA THR A 7 3.52 -6.04 -1.55
C THR A 7 3.07 -6.90 -0.34
N GLU A 8 2.45 -6.28 0.66
CA GLU A 8 2.16 -6.85 1.96
C GLU A 8 0.88 -6.17 2.48
N SER A 9 -0.07 -6.92 3.05
CA SER A 9 -1.32 -6.33 3.51
C SER A 9 -1.08 -5.50 4.76
N GLY A 10 -1.74 -4.34 4.84
CA GLY A 10 -1.62 -3.48 6.00
C GLY A 10 -0.41 -2.55 5.91
N GLN A 11 0.18 -2.43 4.72
CA GLN A 11 1.31 -1.55 4.47
C GLN A 11 0.83 -0.23 3.89
N ASN A 12 1.68 0.80 3.92
CA ASN A 12 1.35 2.09 3.36
C ASN A 12 2.63 2.75 2.83
N LEU A 13 2.52 4.00 2.36
CA LEU A 13 3.65 4.69 1.73
C LEU A 13 4.12 3.88 0.51
N CYS A 14 3.18 3.28 -0.21
CA CYS A 14 3.41 2.56 -1.45
C CYS A 14 2.17 2.69 -2.35
N LEU A 15 2.41 2.75 -3.67
CA LEU A 15 1.43 2.89 -4.74
C LEU A 15 0.44 1.74 -4.64
N CYS A 16 -0.80 2.04 -4.24
CA CYS A 16 -1.74 0.95 -4.02
C CYS A 16 -2.61 0.88 -5.26
N GLU A 17 -3.36 1.96 -5.51
CA GLU A 17 -4.26 2.10 -6.63
C GLU A 17 -3.68 3.13 -7.61
N GLY A 18 -3.05 2.62 -8.69
CA GLY A 18 -2.45 3.47 -9.70
C GLY A 18 -1.21 4.16 -9.14
N SER A 19 -0.96 5.40 -9.58
CA SER A 19 0.18 6.19 -9.10
C SER A 19 -0.14 6.86 -7.77
N ASN A 20 -1.35 6.69 -7.22
CA ASN A 20 -1.73 7.30 -5.95
C ASN A 20 -1.19 6.43 -4.83
N VAL A 21 -0.31 6.99 -4.00
CA VAL A 21 0.21 6.28 -2.85
C VAL A 21 -0.88 6.08 -1.81
N CYS A 22 -0.83 4.95 -1.07
CA CYS A 22 -1.67 4.81 0.10
C CYS A 22 -1.13 5.70 1.23
N GLY A 23 -1.74 6.89 1.31
CA GLY A 23 -1.48 7.97 2.25
C GLY A 23 -1.48 7.50 3.71
N GLN A 24 -0.81 8.26 4.58
CA GLN A 24 -0.69 7.90 5.98
C GLN A 24 -2.06 7.91 6.66
N GLY A 25 -2.27 7.00 7.62
CA GLY A 25 -3.58 6.79 8.25
C GLY A 25 -4.44 5.78 7.47
N ASN A 26 -3.90 5.25 6.37
CA ASN A 26 -4.51 4.27 5.48
C ASN A 26 -3.51 3.12 5.28
N LYS A 27 -3.99 1.94 4.83
CA LYS A 27 -3.19 0.76 4.49
C LYS A 27 -3.67 0.13 3.18
N CYS A 28 -2.78 -0.62 2.51
CA CYS A 28 -3.07 -1.26 1.24
C CYS A 28 -3.30 -2.71 1.55
N ILE A 29 -4.49 -3.23 1.25
CA ILE A 29 -4.76 -4.64 1.39
C ILE A 29 -4.34 -5.25 0.06
N LEU A 30 -3.23 -6.00 0.08
CA LEU A 30 -2.78 -6.73 -1.08
C LEU A 30 -3.86 -7.73 -1.46
N GLY A 31 -4.20 -7.79 -2.75
CA GLY A 31 -5.27 -8.66 -3.21
C GLY A 31 -4.98 -10.12 -2.86
N SER A 32 -6.01 -10.85 -2.40
CA SER A 32 -5.85 -12.22 -1.91
C SER A 32 -6.87 -13.18 -2.55
N ASP A 33 -7.10 -13.06 -3.86
CA ASP A 33 -8.13 -13.78 -4.63
C ASP A 33 -8.33 -13.08 -5.99
N GLY A 34 -7.24 -12.82 -6.71
CA GLY A 34 -7.31 -12.10 -7.99
C GLY A 34 -7.73 -10.63 -7.85
N GLU A 35 -7.98 -10.17 -6.63
CA GLU A 35 -8.34 -8.79 -6.35
C GLU A 35 -7.17 -7.86 -6.63
N LYS A 36 -7.48 -6.58 -6.82
CA LYS A 36 -6.49 -5.54 -7.02
C LYS A 36 -6.14 -4.91 -5.66
N ASN A 37 -5.04 -4.16 -5.64
CA ASN A 37 -4.59 -3.42 -4.46
C ASN A 37 -5.69 -2.43 -4.01
N GLN A 38 -6.07 -2.48 -2.73
CA GLN A 38 -7.15 -1.67 -2.15
C GLN A 38 -6.62 -0.86 -0.97
N CYS A 39 -6.52 0.46 -1.12
CA CYS A 39 -6.06 1.35 -0.05
C CYS A 39 -7.24 1.70 0.85
N VAL A 40 -7.37 0.99 1.98
CA VAL A 40 -8.44 1.22 2.95
C VAL A 40 -7.88 2.04 4.12
N THR A 41 -8.73 2.56 5.00
CA THR A 41 -8.28 3.32 6.15
C THR A 41 -7.53 2.42 7.16
N GLY A 42 -6.90 3.03 8.17
CA GLY A 42 -6.18 2.36 9.23
C GLY A 42 -4.70 2.70 9.12
N GLU A 43 -4.02 2.92 10.25
CA GLU A 43 -2.63 3.34 10.22
C GLU A 43 -1.75 2.12 9.91
N GLY A 44 -1.11 2.10 8.73
CA GLY A 44 -0.27 0.99 8.27
C GLY A 44 1.21 1.31 8.42
N THR A 45 2.06 0.32 8.12
CA THR A 45 3.50 0.46 8.25
C THR A 45 4.09 0.87 6.89
N PRO A 46 5.06 1.82 6.85
CA PRO A 46 5.63 2.26 5.60
C PRO A 46 6.52 1.15 5.02
N LYS A 47 6.49 0.99 3.70
CA LYS A 47 7.26 -0.06 3.03
C LYS A 47 8.73 -0.07 3.48
N PRO A 48 9.17 -1.07 4.29
CA PRO A 48 10.52 -1.10 4.80
C PRO A 48 11.49 -1.59 3.72
N GLN A 49 12.80 -1.49 3.98
CA GLN A 49 13.80 -2.03 3.09
C GLN A 49 13.64 -3.55 2.91
N SER A 50 14.23 -4.06 1.83
CA SER A 50 14.30 -5.47 1.53
C SER A 50 15.58 -5.65 0.70
N HIS A 51 16.48 -6.52 1.15
CA HIS A 51 17.75 -6.84 0.51
C HIS A 51 18.18 -8.19 1.10
N VAL A 1 11.07 12.59 -7.45
CA VAL A 1 10.27 11.81 -6.49
C VAL A 1 9.51 10.78 -7.31
N VAL A 2 9.75 9.49 -7.06
CA VAL A 2 9.11 8.38 -7.75
C VAL A 2 8.76 7.37 -6.67
N TYR A 3 7.46 7.07 -6.51
CA TYR A 3 6.99 6.06 -5.59
C TYR A 3 6.92 4.70 -6.30
N THR A 4 6.85 3.64 -5.51
CA THR A 4 6.79 2.27 -5.97
C THR A 4 5.70 1.54 -5.18
N ASP A 5 5.27 0.38 -5.69
CA ASP A 5 4.19 -0.40 -5.09
C ASP A 5 4.65 -1.11 -3.82
N CYS A 6 3.67 -1.51 -3.01
CA CYS A 6 3.89 -2.35 -1.83
C CYS A 6 3.94 -3.83 -2.20
N THR A 7 4.26 -4.70 -1.23
CA THR A 7 4.34 -6.15 -1.47
C THR A 7 3.79 -6.98 -0.30
N GLU A 8 2.85 -6.44 0.49
CA GLU A 8 2.10 -7.17 1.50
C GLU A 8 0.89 -6.33 1.91
N SER A 9 -0.13 -6.95 2.51
CA SER A 9 -1.30 -6.27 3.03
C SER A 9 -1.03 -5.66 4.40
N GLY A 10 -1.79 -4.60 4.73
CA GLY A 10 -1.64 -3.84 5.96
C GLY A 10 -0.42 -2.94 5.94
N GLN A 11 0.15 -2.71 4.75
CA GLN A 11 1.29 -1.84 4.56
C GLN A 11 0.80 -0.42 4.23
N ASN A 12 1.69 0.59 4.20
CA ASN A 12 1.36 1.93 3.71
C ASN A 12 2.63 2.63 3.21
N LEU A 13 2.48 3.86 2.73
CA LEU A 13 3.54 4.73 2.24
C LEU A 13 4.21 4.12 1.00
N CYS A 14 3.38 3.83 0.00
CA CYS A 14 3.72 3.13 -1.23
C CYS A 14 2.48 3.20 -2.13
N LEU A 15 2.66 2.90 -3.41
CA LEU A 15 1.57 2.86 -4.37
C LEU A 15 0.72 1.63 -4.11
N CYS A 16 -0.59 1.76 -4.30
CA CYS A 16 -1.54 0.72 -3.92
C CYS A 16 -2.65 0.65 -4.97
N GLU A 17 -3.42 1.73 -5.08
CA GLU A 17 -4.43 1.91 -6.11
C GLU A 17 -3.78 2.68 -7.25
N GLY A 18 -3.35 1.96 -8.30
CA GLY A 18 -2.66 2.56 -9.41
C GLY A 18 -1.48 3.40 -8.91
N SER A 19 -1.39 4.65 -9.37
CA SER A 19 -0.31 5.55 -8.99
C SER A 19 -0.64 6.33 -7.70
N ASN A 20 -1.76 6.03 -7.04
CA ASN A 20 -2.15 6.71 -5.82
C ASN A 20 -1.42 6.06 -4.65
N VAL A 21 -0.69 6.88 -3.88
CA VAL A 21 0.05 6.43 -2.71
C VAL A 21 -0.91 6.27 -1.53
N CYS A 22 -0.83 5.16 -0.82
CA CYS A 22 -1.67 4.93 0.36
C CYS A 22 -0.94 5.52 1.56
N GLY A 23 -1.22 6.79 1.89
CA GLY A 23 -0.46 7.59 2.83
C GLY A 23 -0.58 7.15 4.30
N GLN A 24 -0.02 7.95 5.21
CA GLN A 24 -0.27 7.78 6.64
C GLN A 24 -1.76 7.99 6.90
N GLY A 25 -2.32 7.27 7.87
CA GLY A 25 -3.74 7.29 8.12
C GLY A 25 -4.50 6.41 7.13
N ASN A 26 -3.77 5.61 6.34
CA ASN A 26 -4.34 4.71 5.34
C ASN A 26 -3.62 3.36 5.46
N LYS A 27 -4.17 2.33 4.81
CA LYS A 27 -3.63 0.98 4.79
C LYS A 27 -3.91 0.38 3.42
N CYS A 28 -2.89 -0.22 2.81
CA CYS A 28 -3.00 -0.95 1.57
C CYS A 28 -3.26 -2.43 1.87
N ILE A 29 -4.35 -2.99 1.34
CA ILE A 29 -4.65 -4.41 1.32
C ILE A 29 -4.46 -4.89 -0.11
N LEU A 30 -3.44 -5.71 -0.36
CA LEU A 30 -3.30 -6.39 -1.63
C LEU A 30 -4.42 -7.42 -1.79
N GLY A 31 -4.59 -7.92 -3.02
CA GLY A 31 -5.52 -8.98 -3.34
C GLY A 31 -5.52 -10.11 -2.31
N SER A 32 -6.73 -10.53 -1.92
CA SER A 32 -7.01 -11.50 -0.88
C SER A 32 -8.23 -12.27 -1.37
N ASP A 33 -7.98 -13.44 -1.95
CA ASP A 33 -8.96 -14.38 -2.48
C ASP A 33 -9.47 -13.92 -3.85
N GLY A 34 -8.55 -13.81 -4.82
CA GLY A 34 -8.86 -13.47 -6.21
C GLY A 34 -9.47 -12.07 -6.36
N GLU A 35 -9.08 -11.16 -5.45
CA GLU A 35 -9.41 -9.74 -5.46
C GLU A 35 -8.19 -8.91 -5.90
N LYS A 36 -8.40 -7.60 -6.07
CA LYS A 36 -7.47 -6.59 -6.54
C LYS A 36 -6.85 -5.89 -5.32
N ASN A 37 -5.91 -4.97 -5.57
CA ASN A 37 -5.36 -4.12 -4.52
C ASN A 37 -6.38 -3.06 -4.08
N GLN A 38 -6.41 -2.71 -2.79
CA GLN A 38 -7.37 -1.79 -2.18
C GLN A 38 -6.67 -0.92 -1.12
N CYS A 39 -6.73 0.41 -1.21
CA CYS A 39 -6.22 1.34 -0.20
C CYS A 39 -7.37 1.82 0.70
N VAL A 40 -7.46 1.25 1.92
CA VAL A 40 -8.48 1.62 2.89
C VAL A 40 -7.93 2.73 3.81
N THR A 41 -8.83 3.42 4.51
CA THR A 41 -8.47 4.37 5.55
C THR A 41 -8.15 3.58 6.84
N GLY A 42 -7.30 4.13 7.72
CA GLY A 42 -6.95 3.49 8.99
C GLY A 42 -5.50 3.79 9.34
N GLU A 43 -4.64 2.77 9.37
CA GLU A 43 -3.18 2.90 9.47
C GLU A 43 -2.57 1.57 9.04
N GLY A 44 -1.30 1.58 8.61
CA GLY A 44 -0.59 0.39 8.16
C GLY A 44 0.91 0.53 8.41
N THR A 45 1.67 -0.55 8.24
CA THR A 45 3.12 -0.55 8.47
C THR A 45 3.84 0.04 7.24
N PRO A 46 4.89 0.85 7.41
CA PRO A 46 5.60 1.44 6.28
C PRO A 46 6.44 0.41 5.53
N LYS A 47 6.70 0.65 4.24
CA LYS A 47 7.63 -0.14 3.44
C LYS A 47 9.07 0.34 3.68
N PRO A 48 10.03 -0.58 3.91
CA PRO A 48 11.45 -0.24 3.90
C PRO A 48 11.92 -0.08 2.45
N GLN A 49 12.98 0.73 2.24
CA GLN A 49 13.57 0.95 0.93
C GLN A 49 14.68 -0.07 0.70
N SER A 50 14.79 -0.56 -0.54
CA SER A 50 15.72 -1.61 -0.95
C SER A 50 15.37 -2.96 -0.34
N HIS A 51 16.10 -4.01 -0.75
CA HIS A 51 16.03 -5.32 -0.13
C HIS A 51 16.73 -5.30 1.24
N VAL A 1 11.37 12.17 -6.24
CA VAL A 1 11.32 10.87 -5.56
C VAL A 1 10.51 9.93 -6.46
N VAL A 2 10.70 8.61 -6.35
CA VAL A 2 9.96 7.63 -7.10
C VAL A 2 9.34 6.67 -6.09
N TYR A 3 8.11 6.23 -6.36
CA TYR A 3 7.34 5.31 -5.54
C TYR A 3 7.09 4.05 -6.35
N THR A 4 6.77 2.95 -5.66
CA THR A 4 6.49 1.65 -6.24
C THR A 4 5.37 0.99 -5.43
N ASP A 5 4.89 -0.16 -5.91
CA ASP A 5 3.87 -0.93 -5.23
C ASP A 5 4.32 -1.41 -3.85
N CYS A 6 3.34 -1.81 -3.02
CA CYS A 6 3.58 -2.51 -1.76
C CYS A 6 3.75 -4.00 -1.99
N THR A 7 4.27 -4.71 -0.97
CA THR A 7 4.59 -6.13 -1.06
C THR A 7 3.93 -6.95 0.07
N GLU A 8 3.03 -6.36 0.86
CA GLU A 8 2.24 -7.05 1.88
C GLU A 8 0.96 -6.24 2.16
N SER A 9 -0.06 -6.86 2.77
CA SER A 9 -1.26 -6.16 3.21
C SER A 9 -1.02 -5.48 4.56
N GLY A 10 -1.82 -4.45 4.86
CA GLY A 10 -1.68 -3.77 6.14
C GLY A 10 -0.49 -2.82 6.11
N GLN A 11 -0.10 -2.42 4.90
CA GLN A 11 1.06 -1.59 4.67
C GLN A 11 0.60 -0.21 4.21
N ASN A 12 1.45 0.80 4.20
CA ASN A 12 1.11 2.13 3.72
C ASN A 12 2.30 2.77 3.02
N LEU A 13 2.10 4.00 2.54
CA LEU A 13 3.13 4.83 1.92
C LEU A 13 3.75 4.13 0.70
N CYS A 14 2.91 3.73 -0.24
CA CYS A 14 3.28 2.97 -1.42
C CYS A 14 2.13 3.04 -2.42
N LEU A 15 2.42 2.68 -3.67
CA LEU A 15 1.45 2.74 -4.75
C LEU A 15 0.47 1.57 -4.58
N CYS A 16 -0.82 1.88 -4.45
CA CYS A 16 -1.82 0.87 -4.12
C CYS A 16 -2.89 0.90 -5.21
N GLU A 17 -3.57 2.04 -5.31
CA GLU A 17 -4.45 2.39 -6.41
C GLU A 17 -3.65 3.14 -7.48
N GLY A 18 -3.06 2.39 -8.41
CA GLY A 18 -2.36 2.97 -9.54
C GLY A 18 -1.16 3.77 -9.04
N SER A 19 -0.94 4.98 -9.57
CA SER A 19 0.17 5.82 -9.15
C SER A 19 -0.15 6.58 -7.85
N ASN A 20 -1.39 6.50 -7.34
CA ASN A 20 -1.77 7.22 -6.14
C ASN A 20 -1.19 6.49 -4.93
N VAL A 21 -0.41 7.21 -4.11
CA VAL A 21 0.26 6.64 -2.95
C VAL A 21 -0.71 6.60 -1.77
N CYS A 22 -0.73 5.49 -1.01
CA CYS A 22 -1.58 5.37 0.17
C CYS A 22 -0.98 6.12 1.36
N GLY A 23 -1.38 7.38 1.58
CA GLY A 23 -0.86 8.24 2.66
C GLY A 23 -1.08 7.66 4.08
N GLN A 24 -0.40 8.21 5.10
CA GLN A 24 -0.62 7.80 6.49
C GLN A 24 -2.07 7.97 6.95
N GLY A 25 -2.48 7.13 7.91
CA GLY A 25 -3.85 7.03 8.42
C GLY A 25 -4.70 6.09 7.56
N ASN A 26 -4.08 5.51 6.54
CA ASN A 26 -4.62 4.59 5.57
C ASN A 26 -3.69 3.40 5.45
N LYS A 27 -4.18 2.27 4.91
CA LYS A 27 -3.43 1.07 4.69
C LYS A 27 -3.89 0.44 3.36
N CYS A 28 -2.98 -0.20 2.62
CA CYS A 28 -3.20 -0.93 1.39
C CYS A 28 -3.36 -2.40 1.73
N ILE A 29 -4.45 -3.02 1.28
CA ILE A 29 -4.62 -4.46 1.38
C ILE A 29 -4.23 -5.03 0.00
N LEU A 30 -3.14 -5.80 -0.06
CA LEU A 30 -2.66 -6.47 -1.27
C LEU A 30 -3.59 -7.63 -1.60
N GLY A 31 -4.75 -7.30 -2.17
CA GLY A 31 -5.73 -8.29 -2.56
C GLY A 31 -6.52 -8.79 -1.35
N SER A 32 -7.77 -9.19 -1.57
CA SER A 32 -8.66 -9.60 -0.49
C SER A 32 -9.62 -10.67 -0.98
N ASP A 33 -9.07 -11.84 -1.36
CA ASP A 33 -9.77 -13.02 -1.84
C ASP A 33 -9.96 -12.92 -3.36
N GLY A 34 -8.84 -12.86 -4.08
CA GLY A 34 -8.82 -12.68 -5.53
C GLY A 34 -9.09 -11.25 -5.98
N GLU A 35 -9.57 -10.38 -5.08
CA GLU A 35 -9.56 -8.94 -5.29
C GLU A 35 -8.12 -8.42 -5.45
N LYS A 36 -8.05 -7.22 -6.00
CA LYS A 36 -6.85 -6.47 -6.33
C LYS A 36 -6.42 -5.67 -5.09
N ASN A 37 -5.30 -4.94 -5.19
CA ASN A 37 -4.95 -3.89 -4.24
C ASN A 37 -6.13 -2.98 -3.86
N GLN A 38 -6.10 -2.45 -2.63
CA GLN A 38 -7.13 -1.56 -2.09
C GLN A 38 -6.61 -0.74 -0.90
N CYS A 39 -6.34 0.55 -1.13
CA CYS A 39 -5.95 1.52 -0.10
C CYS A 39 -7.18 2.00 0.64
N VAL A 40 -7.42 1.44 1.83
CA VAL A 40 -8.52 1.82 2.70
C VAL A 40 -7.97 2.59 3.88
N THR A 41 -8.85 3.09 4.76
CA THR A 41 -8.44 3.86 5.93
C THR A 41 -7.83 2.93 6.99
N GLY A 42 -7.38 3.49 8.11
CA GLY A 42 -6.84 2.71 9.21
C GLY A 42 -5.33 2.63 9.05
N GLU A 43 -4.60 2.41 10.15
CA GLU A 43 -3.16 2.48 10.14
C GLU A 43 -2.57 1.17 9.61
N GLY A 44 -1.29 1.20 9.28
CA GLY A 44 -0.53 0.09 8.74
C GLY A 44 0.96 0.39 8.86
N THR A 45 1.80 -0.54 8.39
CA THR A 45 3.26 -0.42 8.50
C THR A 45 3.83 0.23 7.22
N PRO A 46 4.93 1.00 7.28
CA PRO A 46 5.55 1.53 6.07
C PRO A 46 6.29 0.44 5.29
N LYS A 47 6.79 0.78 4.09
CA LYS A 47 7.57 -0.12 3.25
C LYS A 47 9.04 0.28 3.32
N PRO A 48 9.97 -0.66 3.54
CA PRO A 48 11.39 -0.35 3.50
C PRO A 48 11.85 -0.06 2.06
N GLN A 49 12.86 0.80 1.94
CA GLN A 49 13.52 1.10 0.67
C GLN A 49 14.39 -0.08 0.24
N SER A 50 14.63 -0.19 -1.07
CA SER A 50 15.47 -1.21 -1.68
C SER A 50 16.76 -0.54 -2.16
N HIS A 51 17.82 -1.32 -2.35
CA HIS A 51 19.11 -0.86 -2.83
C HIS A 51 19.89 -2.11 -3.22
N VAL A 1 8.46 13.26 -4.98
CA VAL A 1 9.27 12.03 -4.99
C VAL A 1 8.33 10.94 -5.48
N VAL A 2 8.83 9.90 -6.16
CA VAL A 2 8.03 8.79 -6.66
C VAL A 2 8.13 7.63 -5.66
N TYR A 3 7.07 6.84 -5.51
CA TYR A 3 6.97 5.72 -4.56
C TYR A 3 7.02 4.39 -5.34
N THR A 4 6.87 3.24 -4.68
CA THR A 4 6.87 1.91 -5.31
C THR A 4 5.61 1.16 -4.88
N ASP A 5 5.26 0.04 -5.55
CA ASP A 5 4.00 -0.63 -5.27
C ASP A 5 4.07 -1.33 -3.91
N CYS A 6 2.93 -1.75 -3.33
CA CYS A 6 3.00 -2.44 -2.03
C CYS A 6 3.33 -3.90 -2.26
N THR A 7 3.87 -4.54 -1.22
CA THR A 7 4.47 -5.88 -1.33
C THR A 7 3.81 -6.90 -0.39
N GLU A 8 3.09 -6.44 0.63
CA GLU A 8 2.39 -7.24 1.63
C GLU A 8 1.10 -6.49 2.01
N SER A 9 0.06 -7.18 2.48
CA SER A 9 -1.13 -6.49 2.99
C SER A 9 -0.79 -5.78 4.29
N GLY A 10 -1.49 -4.68 4.58
CA GLY A 10 -1.29 -3.96 5.84
C GLY A 10 -0.26 -2.84 5.71
N GLN A 11 0.33 -2.69 4.53
CA GLN A 11 1.44 -1.78 4.30
C GLN A 11 0.92 -0.40 3.86
N ASN A 12 1.75 0.64 3.94
CA ASN A 12 1.44 1.95 3.39
C ASN A 12 2.74 2.65 2.98
N LEU A 13 2.63 3.89 2.47
CA LEU A 13 3.71 4.60 1.80
C LEU A 13 4.14 3.85 0.53
N CYS A 14 3.16 3.28 -0.18
CA CYS A 14 3.38 2.57 -1.43
C CYS A 14 2.14 2.72 -2.35
N LEU A 15 2.37 2.65 -3.66
CA LEU A 15 1.36 2.78 -4.70
C LEU A 15 0.41 1.59 -4.57
N CYS A 16 -0.90 1.84 -4.65
CA CYS A 16 -1.89 0.81 -4.30
C CYS A 16 -3.02 0.93 -5.30
N GLU A 17 -3.70 2.08 -5.27
CA GLU A 17 -4.64 2.48 -6.30
C GLU A 17 -3.87 3.20 -7.40
N GLY A 18 -3.38 2.44 -8.38
CA GLY A 18 -2.69 2.99 -9.52
C GLY A 18 -1.50 3.81 -9.04
N SER A 19 -1.36 5.06 -9.51
CA SER A 19 -0.27 5.92 -9.10
C SER A 19 -0.57 6.66 -7.79
N ASN A 20 -1.63 6.31 -7.06
CA ASN A 20 -1.97 7.01 -5.83
C ASN A 20 -1.29 6.29 -4.68
N VAL A 21 -0.40 7.00 -4.00
CA VAL A 21 0.30 6.46 -2.84
C VAL A 21 -0.68 6.32 -1.68
N CYS A 22 -0.71 5.13 -1.08
CA CYS A 22 -1.45 4.90 0.16
C CYS A 22 -0.70 5.56 1.32
N GLY A 23 -0.96 6.87 1.52
CA GLY A 23 -0.33 7.73 2.53
C GLY A 23 -0.56 7.27 3.98
N GLN A 24 0.17 7.83 4.96
CA GLN A 24 -0.09 7.52 6.36
C GLN A 24 -1.56 7.79 6.75
N GLY A 25 -2.08 7.07 7.76
CA GLY A 25 -3.49 7.11 8.16
C GLY A 25 -4.39 6.28 7.24
N ASN A 26 -3.76 5.47 6.39
CA ASN A 26 -4.29 4.55 5.40
C ASN A 26 -3.48 3.24 5.44
N LYS A 27 -3.97 2.21 4.73
CA LYS A 27 -3.35 0.88 4.64
C LYS A 27 -3.79 0.20 3.33
N CYS A 28 -2.84 -0.44 2.65
CA CYS A 28 -3.07 -1.15 1.40
C CYS A 28 -3.31 -2.61 1.76
N ILE A 29 -4.41 -3.19 1.31
CA ILE A 29 -4.70 -4.61 1.39
C ILE A 29 -4.40 -5.21 0.01
N LEU A 30 -3.38 -6.06 -0.04
CA LEU A 30 -2.98 -6.82 -1.21
C LEU A 30 -3.75 -8.13 -1.20
N GLY A 31 -4.96 -8.11 -1.75
CA GLY A 31 -5.77 -9.29 -1.89
C GLY A 31 -6.69 -9.48 -0.67
N SER A 32 -7.95 -9.79 -0.96
CA SER A 32 -9.04 -9.98 -0.03
C SER A 32 -10.01 -10.89 -0.76
N ASP A 33 -9.99 -12.19 -0.46
CA ASP A 33 -10.96 -13.17 -0.99
C ASP A 33 -11.24 -12.98 -2.49
N GLY A 34 -10.15 -12.83 -3.26
CA GLY A 34 -10.15 -12.67 -4.69
C GLY A 34 -10.44 -11.23 -5.13
N GLU A 35 -9.98 -10.25 -4.35
CA GLU A 35 -9.98 -8.85 -4.72
C GLU A 35 -8.63 -8.39 -5.26
N LYS A 36 -8.68 -7.17 -5.81
CA LYS A 36 -7.58 -6.38 -6.33
C LYS A 36 -6.92 -5.61 -5.18
N ASN A 37 -5.86 -4.87 -5.49
CA ASN A 37 -5.22 -3.94 -4.55
C ASN A 37 -6.21 -2.83 -4.13
N GLN A 38 -6.41 -2.62 -2.83
CA GLN A 38 -7.31 -1.62 -2.24
C GLN A 38 -6.62 -0.87 -1.07
N CYS A 39 -6.55 0.48 -1.12
CA CYS A 39 -6.03 1.35 -0.06
C CYS A 39 -7.18 1.88 0.80
N VAL A 40 -7.35 1.31 1.99
CA VAL A 40 -8.39 1.69 2.93
C VAL A 40 -7.82 2.61 4.00
N THR A 41 -8.67 3.39 4.67
CA THR A 41 -8.25 4.25 5.76
C THR A 41 -7.84 3.42 6.97
N GLY A 42 -7.19 4.04 7.96
CA GLY A 42 -6.92 3.45 9.26
C GLY A 42 -5.48 3.77 9.65
N GLU A 43 -4.64 2.74 9.67
CA GLU A 43 -3.20 2.83 9.83
C GLU A 43 -2.61 1.57 9.21
N GLY A 44 -1.31 1.55 8.98
CA GLY A 44 -0.58 0.47 8.33
C GLY A 44 0.91 0.65 8.58
N THR A 45 1.69 -0.39 8.25
CA THR A 45 3.14 -0.34 8.40
C THR A 45 3.76 0.37 7.17
N PRO A 46 4.68 1.33 7.34
CA PRO A 46 5.30 1.99 6.22
C PRO A 46 6.28 1.04 5.53
N LYS A 47 6.21 0.94 4.20
CA LYS A 47 7.18 0.16 3.44
C LYS A 47 8.61 0.65 3.75
N PRO A 48 9.50 -0.20 4.30
CA PRO A 48 10.89 0.17 4.45
C PRO A 48 11.56 0.14 3.08
N GLN A 49 12.53 1.03 2.85
CA GLN A 49 13.41 1.01 1.69
C GLN A 49 14.69 0.23 2.03
N SER A 50 15.31 -0.35 1.01
CA SER A 50 16.51 -1.18 1.13
C SER A 50 17.19 -1.34 -0.22
N HIS A 51 16.39 -1.55 -1.27
CA HIS A 51 16.84 -1.81 -2.64
C HIS A 51 17.47 -0.58 -3.30
#